data_4PEQ
#
_entry.id   4PEQ
#
_cell.length_a   117.792
_cell.length_b   123.550
_cell.length_c   179.301
_cell.angle_alpha   90.000
_cell.angle_beta   90.000
_cell.angle_gamma   90.000
#
_symmetry.space_group_name_H-M   'I 2 2 2'
#
loop_
_entity.id
_entity.type
_entity.pdbx_description
1 polymer 'Ribonuclease pancreatic'
2 polymer 'Ribonuclease/angiogenin inhibitor 1'
3 water water
#
loop_
_entity_poly.entity_id
_entity_poly.type
_entity_poly.pdbx_seq_one_letter_code
_entity_poly.pdbx_strand_id
1 'polypeptide(L)'
;KETAAAKFERQHMDSSTSAASSSNYCNQMMKSRNLTKDRCKPVNTFVHESLADVQAVCSQKNVACKNGQTNCYQSYSTMS
ITDCRETGSSKYPNCAYKTTQANKHIIVACEGNPYVPVHFDASV
;
A,C
2 'polypeptide(L)'
;MKLDIQCEQLSDARWTELLPLIQQYEVVRLDDCGLTEVRCKDIGSALQANASLTELSLRTNELGDGGVLLVLQGLQSPTC
KIQKLSLQNCCLTEAGCGVLPGVLRSLPTLRELHLSDNPLGDAGLRLLCEGLLDPRCRLEKLQLEYCSLTAASCEPLAAV
LRATRDLKELVVSNNDIGEAGVQALCRGLAESACQLETLKLENCGLTAANCKDLCGIVASQASLKDLDLGSNRLGDAGLA
ELCPGLLSPSSQLRTLWLWECDLTVSGCRELCRVLQAKEALKELSLAGNSLGDEGAQLLCESLLQPGCQLESLWVKSCGF
TAACCQHFSSMLTQNKHLLELQLSSNPLGDAGVHVLCQALGQPGTVLRVLWVGDCELTNSSCGGLASLLLASPSLRELDL
SNNGLGDPGVLQLLGSLEQPACSLEQLVLYDIYWTEAVDERLRAVEESKPGLRIIS
;
B,D
#
# COMPACT_ATOMS: atom_id res chain seq x y z
N LYS A 1 31.72 21.86 26.04
CA LYS A 1 30.46 22.59 26.03
C LYS A 1 30.12 23.05 24.62
N GLU A 2 28.99 22.57 24.10
CA GLU A 2 28.47 23.06 22.84
C GLU A 2 27.24 23.92 23.13
N THR A 3 27.28 25.20 22.77
CA THR A 3 26.10 26.05 22.93
C THR A 3 24.97 25.63 22.00
N ALA A 4 23.76 26.05 22.34
CA ALA A 4 22.58 25.71 21.54
C ALA A 4 22.73 26.16 20.09
N ALA A 5 23.31 27.34 19.88
CA ALA A 5 23.49 27.90 18.54
C ALA A 5 24.42 27.04 17.70
N ALA A 6 25.53 26.62 18.30
CA ALA A 6 26.48 25.80 17.57
C ALA A 6 25.94 24.38 17.33
N LYS A 7 25.19 23.86 18.29
CA LYS A 7 24.56 22.55 18.18
C LYS A 7 23.55 22.54 17.04
N PHE A 8 22.78 23.62 16.95
CA PHE A 8 21.86 23.83 15.83
C PHE A 8 22.58 23.74 14.47
N GLU A 9 23.71 24.43 14.35
CA GLU A 9 24.50 24.36 13.11
C GLU A 9 24.99 22.96 12.80
N ARG A 10 25.52 22.26 13.81
CA ARG A 10 25.99 20.89 13.62
C ARG A 10 24.85 19.95 13.21
N GLN A 11 23.72 20.06 13.89
CA GLN A 11 22.62 19.13 13.68
C GLN A 11 21.70 19.45 12.49
N HIS A 12 21.59 20.73 12.09
CA HIS A 12 20.53 21.12 11.15
C HIS A 12 20.94 21.95 9.92
N MET A 13 22.21 22.37 9.85
CA MET A 13 22.66 23.17 8.70
C MET A 13 23.50 22.37 7.72
N ASP A 14 23.14 22.45 6.45
CA ASP A 14 24.02 21.97 5.39
C ASP A 14 24.02 22.94 4.21
N SER A 15 24.73 24.05 4.40
CA SER A 15 24.78 25.13 3.42
C SER A 15 25.63 24.79 2.19
N SER A 16 26.38 23.69 2.25
CA SER A 16 27.31 23.37 1.18
C SER A 16 26.72 22.57 0.03
N THR A 17 25.47 22.12 0.19
CA THR A 17 24.74 21.44 -0.89
CA THR A 17 24.77 21.48 -0.92
C THR A 17 23.38 22.11 -1.05
N SER A 18 22.84 22.08 -2.27
CA SER A 18 21.55 22.68 -2.56
C SER A 18 20.39 21.70 -2.29
N ALA A 19 20.70 20.42 -2.23
CA ALA A 19 19.72 19.38 -1.97
C ALA A 19 20.47 18.09 -1.75
N ALA A 20 19.77 17.06 -1.30
CA ALA A 20 20.41 15.77 -1.09
C ALA A 20 20.76 15.22 -2.47
N SER A 21 22.01 14.78 -2.65
CA SER A 21 22.45 14.34 -3.98
C SER A 21 22.09 12.90 -4.27
N SER A 22 21.93 12.09 -3.23
CA SER A 22 21.57 10.70 -3.41
C SER A 22 20.68 10.17 -2.27
N SER A 23 20.15 8.98 -2.47
CA SER A 23 19.36 8.33 -1.41
C SER A 23 20.24 7.90 -0.23
N ASN A 24 21.56 8.00 -0.38
CA ASN A 24 22.46 7.68 0.72
C ASN A 24 22.91 8.90 1.55
N TYR A 25 22.41 10.08 1.19
CA TYR A 25 22.74 11.32 1.88
C TYR A 25 22.61 11.23 3.40
N CYS A 26 21.45 10.78 3.88
CA CYS A 26 21.20 10.77 5.32
C CYS A 26 22.15 9.82 6.07
N ASN A 27 22.37 8.64 5.50
CA ASN A 27 23.34 7.72 6.09
C ASN A 27 24.70 8.37 6.28
N GLN A 28 25.15 9.11 5.26
CA GLN A 28 26.44 9.81 5.29
C GLN A 28 26.40 10.94 6.32
N MET A 29 25.40 11.80 6.20
CA MET A 29 25.30 13.00 7.04
C MET A 29 24.96 12.77 8.52
N MET A 30 24.06 11.82 8.79
CA MET A 30 23.77 11.45 10.17
C MET A 30 25.03 10.89 10.86
N LYS A 31 25.85 10.16 10.10
CA LYS A 31 27.10 9.67 10.65
C LYS A 31 28.13 10.76 10.89
N SER A 32 28.35 11.60 9.88
CA SER A 32 29.39 12.62 9.97
C SER A 32 29.08 13.75 10.96
N ARG A 33 27.81 14.04 11.19
CA ARG A 33 27.45 15.09 12.16
C ARG A 33 27.26 14.50 13.55
N ASN A 34 27.66 13.25 13.74
CA ASN A 34 27.63 12.60 15.06
C ASN A 34 26.25 12.35 15.66
N LEU A 35 25.28 12.16 14.79
CA LEU A 35 23.91 11.93 15.21
C LEU A 35 23.63 10.44 15.34
N THR A 36 24.65 9.61 15.16
CA THR A 36 24.51 8.17 15.37
C THR A 36 25.42 7.64 16.49
N LYS A 37 25.90 8.62 17.26
N LYS A 37 26.04 8.46 17.34
CA LYS A 37 26.67 8.37 18.44
CA LYS A 37 27.13 7.94 18.25
C LYS A 37 25.74 8.26 19.64
C LYS A 37 26.89 6.84 19.35
N ASP A 38 25.83 7.06 20.12
CA ASP A 38 25.32 6.39 21.31
C ASP A 38 23.91 5.89 21.02
N ARG A 39 23.26 6.56 20.09
CA ARG A 39 21.91 6.20 19.67
C ARG A 39 21.67 6.71 18.26
N CYS A 40 20.74 6.08 17.55
CA CYS A 40 20.28 6.61 16.29
C CYS A 40 19.28 7.71 16.60
N LYS A 41 19.51 8.92 16.10
CA LYS A 41 18.52 9.97 16.21
C LYS A 41 17.37 9.61 15.27
N PRO A 42 16.15 9.42 15.79
CA PRO A 42 15.00 8.90 15.03
C PRO A 42 14.65 9.72 13.78
N VAL A 43 14.68 11.04 13.91
CA VAL A 43 14.37 11.91 12.78
C VAL A 43 15.26 13.16 12.88
N ASN A 44 15.63 13.70 11.72
CA ASN A 44 16.45 14.89 11.69
C ASN A 44 16.34 15.61 10.35
N THR A 45 16.27 16.93 10.41
CA THR A 45 16.13 17.75 9.22
C THR A 45 17.36 18.63 9.04
N PHE A 46 17.91 18.59 7.83
CA PHE A 46 19.00 19.45 7.43
C PHE A 46 18.48 20.53 6.48
N VAL A 47 18.92 21.76 6.70
CA VAL A 47 18.49 22.87 5.85
C VAL A 47 19.55 23.22 4.82
N HIS A 48 19.17 23.22 3.54
CA HIS A 48 20.13 23.55 2.48
C HIS A 48 20.01 25.02 2.10
N GLU A 49 20.27 25.91 3.04
CA GLU A 49 20.26 27.34 2.73
C GLU A 49 21.48 27.92 3.41
N SER A 50 21.78 29.17 3.08
CA SER A 50 22.95 29.79 3.69
C SER A 50 22.64 29.97 5.16
N LEU A 51 23.69 30.04 5.97
CA LEU A 51 23.54 30.33 7.39
C LEU A 51 22.76 31.63 7.60
N ALA A 52 23.08 32.61 6.78
CA ALA A 52 22.50 33.95 6.88
C ALA A 52 20.98 33.92 6.72
N ASP A 53 20.49 33.21 5.71
CA ASP A 53 19.06 33.08 5.47
C ASP A 53 18.31 32.30 6.56
N VAL A 54 18.98 31.34 7.16
CA VAL A 54 18.37 30.61 8.25
C VAL A 54 18.30 31.51 9.49
N GLN A 55 19.36 32.26 9.74
CA GLN A 55 19.37 33.21 10.86
C GLN A 55 18.33 34.34 10.73
N ALA A 56 18.03 34.74 9.49
CA ALA A 56 17.04 35.79 9.25
C ALA A 56 15.63 35.36 9.67
N VAL A 57 15.39 34.06 9.72
CA VAL A 57 14.07 33.54 10.10
C VAL A 57 13.67 34.03 11.49
N CYS A 58 14.66 34.34 12.33
CA CYS A 58 14.41 34.81 13.69
C CYS A 58 13.67 36.14 13.71
N SER A 59 13.57 36.81 12.57
CA SER A 59 12.80 38.05 12.49
C SER A 59 11.73 37.97 11.42
N GLN A 60 11.19 36.78 11.24
CA GLN A 60 10.10 36.57 10.29
C GLN A 60 8.79 36.25 11.05
N LYS A 61 8.00 35.28 10.59
CA LYS A 61 6.70 35.10 11.24
C LYS A 61 6.78 34.44 12.61
N ASN A 62 6.35 35.17 13.63
CA ASN A 62 6.36 34.65 14.99
C ASN A 62 5.25 33.63 15.22
N VAL A 63 5.60 32.45 15.74
CA VAL A 63 4.60 31.42 16.02
C VAL A 63 4.93 30.73 17.33
N ALA A 64 3.99 29.95 17.86
CA ALA A 64 4.23 29.20 19.06
C ALA A 64 5.04 27.95 18.77
N CYS A 65 6.07 27.69 19.57
CA CYS A 65 6.79 26.42 19.50
C CYS A 65 5.83 25.29 19.87
N LYS A 66 6.18 24.07 19.48
CA LYS A 66 5.37 22.92 19.84
C LYS A 66 5.19 22.79 21.34
N ASN A 67 6.20 23.22 22.11
CA ASN A 67 6.12 23.11 23.56
C ASN A 67 5.44 24.28 24.26
N GLY A 68 4.89 25.21 23.47
CA GLY A 68 4.13 26.31 24.03
C GLY A 68 4.87 27.61 24.28
N GLN A 69 6.20 27.59 24.15
CA GLN A 69 6.95 28.83 24.24
C GLN A 69 6.67 29.72 23.03
N THR A 70 6.87 31.01 23.21
CA THR A 70 6.43 31.99 22.23
C THR A 70 7.53 32.45 21.28
N ASN A 71 8.78 32.09 21.57
CA ASN A 71 9.90 32.53 20.75
C ASN A 71 10.25 31.65 19.52
N CYS A 72 9.24 31.13 18.84
CA CYS A 72 9.46 30.42 17.59
C CYS A 72 9.10 31.24 16.36
N TYR A 73 9.71 30.90 15.23
CA TYR A 73 9.56 31.71 14.03
C TYR A 73 9.49 30.85 12.79
N GLN A 74 8.54 31.16 11.90
CA GLN A 74 8.36 30.41 10.66
C GLN A 74 8.93 31.20 9.50
N SER A 75 9.73 30.54 8.65
CA SER A 75 10.26 31.21 7.49
C SER A 75 9.12 31.62 6.55
N TYR A 76 9.18 32.84 6.03
CA TYR A 76 8.21 33.34 5.05
C TYR A 76 8.17 32.46 3.79
N SER A 77 9.34 32.08 3.27
CA SER A 77 9.41 31.23 2.08
C SER A 77 9.72 29.80 2.42
N THR A 78 9.48 28.89 1.48
CA THR A 78 9.91 27.52 1.68
C THR A 78 11.41 27.50 1.53
N MET A 79 12.00 26.47 2.09
CA MET A 79 13.43 26.27 2.02
C MET A 79 13.71 24.86 1.55
N SER A 80 14.86 24.68 0.93
CA SER A 80 15.27 23.36 0.52
C SER A 80 15.71 22.57 1.75
N ILE A 81 14.99 21.49 2.07
CA ILE A 81 15.38 20.68 3.22
C ILE A 81 15.50 19.20 2.88
N THR A 82 16.21 18.48 3.72
CA THR A 82 16.23 17.03 3.63
C THR A 82 15.77 16.45 4.96
N ASP A 83 14.76 15.59 4.89
CA ASP A 83 14.26 14.88 6.07
C ASP A 83 14.96 13.53 6.16
N CYS A 84 15.61 13.29 7.29
CA CYS A 84 16.25 12.00 7.55
C CYS A 84 15.45 11.26 8.60
N ARG A 85 15.09 10.02 8.31
CA ARG A 85 14.17 9.28 9.13
C ARG A 85 14.67 7.85 9.24
N GLU A 86 14.82 7.38 10.48
CA GLU A 86 15.22 6.00 10.72
C GLU A 86 14.25 5.06 9.99
N THR A 87 14.79 4.06 9.30
CA THR A 87 13.95 3.00 8.73
C THR A 87 13.64 2.00 9.83
N GLY A 88 12.71 1.09 9.58
CA GLY A 88 12.35 0.13 10.60
C GLY A 88 13.43 -0.90 10.89
N SER A 89 14.42 -1.02 10.02
CA SER A 89 15.50 -2.00 10.21
C SER A 89 16.72 -1.36 10.87
N SER A 90 16.69 -0.04 11.01
CA SER A 90 17.70 0.67 11.77
C SER A 90 17.74 0.18 13.22
N LYS A 91 18.93 -0.20 13.68
CA LYS A 91 19.13 -0.65 15.04
C LYS A 91 20.55 -0.34 15.48
N TYR A 92 20.69 0.55 16.47
CA TYR A 92 21.99 0.94 16.98
C TYR A 92 22.80 -0.30 17.33
N PRO A 93 24.09 -0.36 16.92
CA PRO A 93 24.88 0.67 16.24
C PRO A 93 24.84 0.59 14.71
N ASN A 94 23.87 -0.11 14.15
CA ASN A 94 23.75 -0.12 12.70
C ASN A 94 22.54 0.68 12.25
N CYS A 95 22.64 2.00 12.37
CA CYS A 95 21.55 2.89 12.06
C CYS A 95 21.37 2.91 10.56
N ALA A 96 20.16 3.24 10.12
CA ALA A 96 19.86 3.31 8.70
C ALA A 96 18.78 4.35 8.48
N TYR A 97 18.90 5.14 7.41
CA TYR A 97 18.00 6.27 7.23
C TYR A 97 17.40 6.32 5.84
N LYS A 98 16.14 6.70 5.80
CA LYS A 98 15.50 7.09 4.55
C LYS A 98 15.72 8.58 4.31
N THR A 99 16.09 8.91 3.08
CA THR A 99 16.32 10.30 2.69
C THR A 99 15.14 10.87 1.93
N THR A 100 14.54 11.95 2.42
CA THR A 100 13.48 12.61 1.67
C THR A 100 13.73 14.11 1.49
N GLN A 101 13.91 14.50 0.23
CA GLN A 101 14.14 15.89 -0.15
C GLN A 101 12.80 16.58 -0.27
N ALA A 102 12.72 17.83 0.21
CA ALA A 102 11.47 18.57 0.11
C ALA A 102 11.72 20.08 0.10
N ASN A 103 10.66 20.83 -0.13
CA ASN A 103 10.72 22.27 -0.04
C ASN A 103 9.62 22.69 0.89
N LYS A 104 9.99 23.11 2.09
CA LYS A 104 9.00 23.43 3.11
C LYS A 104 9.41 24.67 3.89
N HIS A 105 8.44 25.26 4.58
CA HIS A 105 8.72 26.31 5.53
C HIS A 105 9.37 25.68 6.75
N ILE A 106 10.36 26.35 7.33
CA ILE A 106 10.93 25.85 8.58
C ILE A 106 10.46 26.68 9.76
N ILE A 107 10.44 26.05 10.93
CA ILE A 107 10.12 26.68 12.18
C ILE A 107 11.26 26.45 13.20
N VAL A 108 11.82 27.55 13.70
CA VAL A 108 12.90 27.51 14.65
C VAL A 108 12.61 28.38 15.88
N ALA A 109 13.20 28.01 17.01
CA ALA A 109 13.18 28.85 18.20
C ALA A 109 14.45 29.70 18.19
N CYS A 110 14.31 30.97 18.55
CA CYS A 110 15.47 31.84 18.60
C CYS A 110 15.71 32.38 20.00
N GLU A 111 16.96 32.62 20.34
CA GLU A 111 17.33 32.94 21.71
C GLU A 111 18.73 33.59 21.69
N GLY A 112 19.02 34.44 22.67
CA GLY A 112 20.35 35.00 22.87
C GLY A 112 20.66 36.36 22.25
N ASN A 113 21.92 36.79 22.40
CA ASN A 113 22.45 38.00 21.78
C ASN A 113 23.80 37.69 21.14
N PRO A 114 23.85 37.62 19.80
CA PRO A 114 22.75 37.90 18.86
C PRO A 114 21.61 36.87 18.90
N TYR A 115 20.48 37.28 18.34
CA TYR A 115 19.24 36.51 18.40
C TYR A 115 19.23 35.52 17.23
N VAL A 116 19.62 34.28 17.52
CA VAL A 116 19.88 33.28 16.49
C VAL A 116 19.12 31.97 16.77
N PRO A 117 18.97 31.12 15.76
CA PRO A 117 18.20 29.89 16.01
C PRO A 117 18.93 28.98 17.00
N VAL A 118 18.20 28.41 17.96
CA VAL A 118 18.81 27.47 18.91
C VAL A 118 18.10 26.14 18.93
N HIS A 119 17.10 25.98 18.06
CA HIS A 119 16.32 24.74 18.03
C HIS A 119 15.50 24.60 16.76
N PHE A 120 15.53 23.41 16.16
CA PHE A 120 14.66 23.11 15.02
C PHE A 120 13.35 22.55 15.51
N ASP A 121 12.27 23.29 15.32
CA ASP A 121 10.98 22.87 15.86
C ASP A 121 10.13 22.05 14.87
N ALA A 122 10.10 22.46 13.60
CA ALA A 122 9.26 21.79 12.60
C ALA A 122 9.47 22.30 11.18
N SER A 123 8.91 21.56 10.23
CA SER A 123 8.71 22.06 8.88
C SER A 123 7.24 21.92 8.51
N VAL A 124 6.74 22.86 7.70
CA VAL A 124 5.33 22.88 7.27
C VAL A 124 5.22 23.28 5.79
N MET B 1 48.13 -2.42 15.51
CA MET B 1 47.17 -3.47 15.18
C MET B 1 46.04 -2.93 14.30
N LYS B 2 45.43 -1.84 14.77
CA LYS B 2 44.26 -1.27 14.11
C LYS B 2 44.40 0.20 13.68
N LEU B 3 44.21 0.45 12.39
CA LEU B 3 44.12 1.82 11.89
C LEU B 3 42.68 2.07 11.47
N ASP B 4 42.09 3.08 12.11
CA ASP B 4 40.68 3.37 11.94
C ASP B 4 40.41 4.88 11.91
N ILE B 5 40.19 5.42 10.72
CA ILE B 5 39.89 6.83 10.58
C ILE B 5 38.50 7.00 9.92
N GLN B 6 37.65 7.80 10.54
CA GLN B 6 36.27 8.03 10.05
C GLN B 6 35.97 9.51 9.84
N CYS B 7 35.40 9.82 8.68
CA CYS B 7 34.86 11.14 8.37
C CYS B 7 35.92 12.21 8.52
N GLU B 8 37.07 11.94 7.93
CA GLU B 8 38.20 12.83 8.15
C GLU B 8 39.02 12.94 6.85
N GLN B 9 39.07 14.14 6.30
CA GLN B 9 39.80 14.44 5.08
C GLN B 9 41.31 14.58 5.30
N LEU B 10 42.10 13.68 4.72
CA LEU B 10 43.54 13.60 4.97
C LEU B 10 44.38 14.42 3.98
N SER B 11 45.35 15.18 4.48
CA SER B 11 46.27 15.92 3.60
C SER B 11 47.28 14.95 2.99
N ASP B 12 47.99 15.42 1.97
CA ASP B 12 48.95 14.54 1.28
C ASP B 12 50.09 14.14 2.20
N ALA B 13 50.58 15.10 2.98
CA ALA B 13 51.67 14.84 3.92
C ALA B 13 51.25 13.75 4.91
N ARG B 14 50.02 13.86 5.39
CA ARG B 14 49.49 12.88 6.32
C ARG B 14 49.31 11.53 5.63
N TRP B 15 48.81 11.55 4.39
CA TRP B 15 48.61 10.33 3.61
C TRP B 15 49.92 9.52 3.46
N THR B 16 51.00 10.23 3.16
CA THR B 16 52.32 9.64 3.05
C THR B 16 52.75 8.95 4.34
N GLU B 17 52.46 9.58 5.47
CA GLU B 17 52.80 8.99 6.77
C GLU B 17 51.94 7.77 7.11
N LEU B 18 50.73 7.70 6.54
CA LEU B 18 49.80 6.60 6.85
C LEU B 18 50.18 5.33 6.09
N LEU B 19 50.76 5.52 4.91
CA LEU B 19 51.14 4.43 4.01
C LEU B 19 51.84 3.23 4.64
N PRO B 20 52.86 3.46 5.49
CA PRO B 20 53.49 2.30 6.13
C PRO B 20 52.56 1.52 7.06
N LEU B 21 51.53 2.17 7.61
CA LEU B 21 50.58 1.45 8.46
C LEU B 21 49.66 0.60 7.59
N ILE B 22 49.25 1.14 6.45
CA ILE B 22 48.48 0.37 5.50
C ILE B 22 49.34 -0.82 5.04
N GLN B 23 50.66 -0.60 5.01
CA GLN B 23 51.60 -1.64 4.57
C GLN B 23 51.68 -2.81 5.55
N GLN B 24 51.35 -2.60 6.82
CA GLN B 24 51.60 -3.67 7.80
C GLN B 24 50.54 -3.93 8.90
N TYR B 25 49.51 -3.09 9.00
CA TYR B 25 48.52 -3.27 10.08
C TYR B 25 47.56 -4.45 9.82
N GLU B 26 46.96 -4.97 10.87
CA GLU B 26 46.05 -6.11 10.72
C GLU B 26 44.65 -5.64 10.28
N VAL B 27 44.22 -4.50 10.80
CA VAL B 27 42.93 -3.92 10.47
C VAL B 27 43.11 -2.51 9.91
N VAL B 28 42.63 -2.28 8.69
CA VAL B 28 42.68 -0.94 8.08
C VAL B 28 41.28 -0.47 7.68
N ARG B 29 40.82 0.62 8.29
CA ARG B 29 39.51 1.21 7.97
C ARG B 29 39.69 2.69 7.70
N LEU B 30 39.36 3.12 6.49
CA LEU B 30 39.44 4.52 6.14
C LEU B 30 38.08 4.91 5.57
N ASP B 31 37.12 5.15 6.46
CA ASP B 31 35.73 5.35 6.03
C ASP B 31 35.40 6.83 5.92
N ASP B 32 34.91 7.23 4.75
CA ASP B 32 34.52 8.60 4.48
C ASP B 32 35.69 9.53 4.70
N CYS B 33 36.81 9.24 4.04
CA CYS B 33 38.04 10.00 4.26
C CYS B 33 38.46 10.77 3.01
N GLY B 34 37.54 10.91 2.06
CA GLY B 34 37.82 11.60 0.82
C GLY B 34 38.80 10.91 -0.14
N LEU B 35 38.96 9.59 -0.02
CA LEU B 35 39.85 8.86 -0.94
C LEU B 35 39.32 8.81 -2.39
N THR B 36 40.23 8.95 -3.35
CA THR B 36 39.88 8.83 -4.78
C THR B 36 40.84 7.90 -5.48
N GLU B 37 40.67 7.80 -6.80
CA GLU B 37 41.45 6.86 -7.62
C GLU B 37 42.96 7.11 -7.54
N VAL B 38 43.34 8.39 -7.48
CA VAL B 38 44.74 8.80 -7.34
C VAL B 38 45.50 8.07 -6.23
N ARG B 39 44.93 8.09 -5.03
CA ARG B 39 45.58 7.45 -3.88
C ARG B 39 45.45 5.94 -3.86
N CYS B 40 44.67 5.39 -4.79
CA CYS B 40 44.42 3.95 -4.79
C CYS B 40 45.62 3.15 -5.26
N LYS B 41 46.43 3.76 -6.12
CA LYS B 41 47.72 3.20 -6.48
C LYS B 41 48.51 2.87 -5.23
N ASP B 42 48.68 3.91 -4.41
CA ASP B 42 49.40 3.80 -3.15
C ASP B 42 48.84 2.67 -2.28
N ILE B 43 47.51 2.58 -2.21
CA ILE B 43 46.88 1.59 -1.33
C ILE B 43 47.11 0.15 -1.79
N GLY B 44 46.85 -0.10 -3.07
CA GLY B 44 47.06 -1.40 -3.66
C GLY B 44 48.46 -1.95 -3.42
N SER B 45 49.46 -1.09 -3.66
CA SER B 45 50.85 -1.47 -3.45
C SER B 45 51.14 -1.79 -1.99
N ALA B 46 50.57 -0.98 -1.09
CA ALA B 46 50.78 -1.21 0.33
C ALA B 46 50.15 -2.53 0.75
N LEU B 47 48.94 -2.80 0.24
CA LEU B 47 48.23 -4.04 0.57
C LEU B 47 48.95 -5.26 0.00
N GLN B 48 49.61 -5.07 -1.14
CA GLN B 48 50.46 -6.08 -1.78
C GLN B 48 51.43 -6.71 -0.77
N ALA B 49 51.91 -5.90 0.18
CA ALA B 49 52.95 -6.32 1.12
C ALA B 49 52.43 -6.72 2.49
N ASN B 50 51.18 -6.39 2.80
CA ASN B 50 50.67 -6.65 4.13
C ASN B 50 50.31 -8.12 4.32
N ALA B 51 51.06 -8.80 5.16
CA ALA B 51 50.84 -10.21 5.39
C ALA B 51 50.05 -10.39 6.67
N SER B 52 49.82 -9.28 7.36
CA SER B 52 49.03 -9.30 8.58
C SER B 52 47.54 -8.98 8.38
N LEU B 53 47.22 -8.26 7.31
CA LEU B 53 45.88 -7.69 7.16
C LEU B 53 44.78 -8.76 7.12
N THR B 54 43.79 -8.63 8.00
CA THR B 54 42.61 -9.49 7.95
C THR B 54 41.31 -8.71 7.68
N GLU B 55 41.33 -7.39 7.90
CA GLU B 55 40.14 -6.60 7.61
C GLU B 55 40.49 -5.30 6.87
N LEU B 56 39.81 -5.08 5.74
CA LEU B 56 39.92 -3.83 5.01
C LEU B 56 38.54 -3.22 4.83
N SER B 57 38.43 -1.93 5.14
CA SER B 57 37.20 -1.20 4.89
C SER B 57 37.53 0.14 4.27
N LEU B 58 36.90 0.46 3.15
CA LEU B 58 37.14 1.74 2.50
C LEU B 58 35.83 2.41 2.11
N ARG B 59 34.81 2.25 2.95
CA ARG B 59 33.47 2.74 2.62
C ARG B 59 33.30 4.27 2.52
N THR B 60 32.37 4.69 1.67
CA THR B 60 32.06 6.12 1.49
C THR B 60 33.28 6.90 1.00
N ASN B 61 33.85 6.46 -0.10
CA ASN B 61 34.93 7.15 -0.80
C ASN B 61 34.71 7.00 -2.28
N GLU B 62 34.92 8.06 -3.04
CA GLU B 62 34.77 8.00 -4.48
C GLU B 62 35.95 7.31 -5.18
N LEU B 63 36.10 6.01 -4.93
CA LEU B 63 37.16 5.26 -5.57
C LEU B 63 36.89 5.09 -7.06
N GLY B 64 35.63 4.81 -7.41
CA GLY B 64 35.29 4.55 -8.79
C GLY B 64 35.80 3.20 -9.25
N ASP B 65 35.49 2.87 -10.50
CA ASP B 65 35.92 1.61 -11.11
C ASP B 65 37.42 1.44 -11.17
N GLY B 66 38.12 2.49 -11.55
CA GLY B 66 39.57 2.48 -11.61
C GLY B 66 40.20 2.34 -10.23
N GLY B 67 39.68 3.08 -9.26
CA GLY B 67 40.16 2.98 -7.88
C GLY B 67 40.01 1.59 -7.29
N VAL B 68 38.83 0.98 -7.47
CA VAL B 68 38.60 -0.35 -6.91
C VAL B 68 39.55 -1.36 -7.54
N LEU B 69 39.78 -1.21 -8.83
CA LEU B 69 40.74 -2.07 -9.55
C LEU B 69 42.13 -2.03 -8.89
N LEU B 70 42.62 -0.82 -8.65
CA LEU B 70 43.94 -0.64 -8.04
C LEU B 70 43.97 -1.23 -6.64
N VAL B 71 42.88 -1.08 -5.88
CA VAL B 71 42.82 -1.69 -4.55
C VAL B 71 42.81 -3.21 -4.61
N LEU B 72 41.90 -3.76 -5.41
CA LEU B 72 41.71 -5.22 -5.49
C LEU B 72 42.92 -6.00 -6.06
N GLN B 73 43.65 -5.40 -6.98
CA GLN B 73 44.90 -6.00 -7.49
C GLN B 73 45.86 -6.24 -6.33
N GLY B 74 45.93 -5.25 -5.45
CA GLY B 74 46.76 -5.31 -4.26
C GLY B 74 46.47 -6.50 -3.36
N LEU B 75 45.24 -7.02 -3.43
CA LEU B 75 44.86 -8.12 -2.54
C LEU B 75 45.28 -9.50 -3.04
N GLN B 76 45.34 -9.66 -4.35
CA GLN B 76 45.82 -10.89 -4.94
C GLN B 76 47.31 -11.05 -4.64
N SER B 77 47.61 -11.82 -3.60
CA SER B 77 48.99 -11.99 -3.14
C SER B 77 49.01 -13.20 -2.23
N PRO B 78 50.09 -14.01 -2.31
CA PRO B 78 50.15 -15.25 -1.53
C PRO B 78 50.30 -14.92 -0.05
N THR B 79 50.58 -13.67 0.25
CA THR B 79 50.61 -13.21 1.63
C THR B 79 49.27 -12.71 2.17
N CYS B 80 48.36 -12.34 1.28
CA CYS B 80 47.10 -11.74 1.73
C CYS B 80 46.20 -12.75 2.41
N LYS B 81 45.86 -12.49 3.67
CA LYS B 81 44.90 -13.34 4.36
C LYS B 81 43.66 -12.55 4.80
N ILE B 82 43.23 -11.61 3.96
CA ILE B 82 42.06 -10.80 4.29
C ILE B 82 40.84 -11.68 4.55
N GLN B 83 40.15 -11.39 5.65
CA GLN B 83 38.94 -12.12 6.00
C GLN B 83 37.70 -11.27 5.75
N LYS B 84 37.84 -9.97 5.95
CA LYS B 84 36.72 -9.04 5.82
C LYS B 84 37.04 -7.92 4.85
N LEU B 85 36.17 -7.75 3.87
CA LEU B 85 36.37 -6.73 2.85
C LEU B 85 35.11 -5.91 2.68
N SER B 86 35.25 -4.59 2.84
CA SER B 86 34.13 -3.71 2.60
C SER B 86 34.45 -2.58 1.65
N LEU B 87 33.67 -2.47 0.57
CA LEU B 87 33.84 -1.38 -0.38
C LEU B 87 32.50 -0.69 -0.58
N GLN B 88 31.75 -0.66 0.52
CA GLN B 88 30.44 -0.07 0.53
C GLN B 88 30.48 1.38 0.07
N ASN B 89 29.59 1.71 -0.86
CA ASN B 89 29.44 3.10 -1.28
C ASN B 89 30.75 3.68 -1.83
N CYS B 90 31.28 3.04 -2.87
CA CYS B 90 32.59 3.40 -3.44
C CYS B 90 32.51 3.69 -4.93
N CYS B 91 31.29 3.91 -5.42
CA CYS B 91 31.04 4.23 -6.82
C CYS B 91 31.49 3.13 -7.77
N LEU B 92 31.29 1.89 -7.36
CA LEU B 92 31.63 0.76 -8.19
C LEU B 92 30.43 0.40 -9.07
N THR B 93 30.62 0.44 -10.40
CA THR B 93 29.57 0.15 -11.36
C THR B 93 29.83 -1.20 -12.01
N GLU B 94 28.96 -1.62 -12.93
CA GLU B 94 29.18 -2.88 -13.63
C GLU B 94 30.51 -2.93 -14.38
N ALA B 95 30.96 -1.79 -14.90
CA ALA B 95 32.23 -1.74 -15.65
C ALA B 95 33.45 -2.05 -14.80
N GLY B 96 33.33 -1.87 -13.48
CA GLY B 96 34.44 -2.17 -12.59
C GLY B 96 34.40 -3.57 -12.00
N CYS B 97 33.38 -4.37 -12.34
CA CYS B 97 33.22 -5.66 -11.68
C CYS B 97 33.93 -6.83 -12.38
N GLY B 98 34.60 -6.54 -13.49
CA GLY B 98 35.34 -7.54 -14.23
C GLY B 98 36.38 -8.29 -13.42
N VAL B 99 37.00 -7.63 -12.45
CA VAL B 99 38.07 -8.29 -11.69
C VAL B 99 37.57 -9.13 -10.53
N LEU B 100 36.31 -8.94 -10.15
CA LEU B 100 35.77 -9.65 -9.01
C LEU B 100 35.96 -11.18 -9.03
N PRO B 101 35.66 -11.84 -10.18
CA PRO B 101 35.85 -13.30 -10.21
C PRO B 101 37.28 -13.72 -9.92
N GLY B 102 38.25 -13.06 -10.55
CA GLY B 102 39.63 -13.41 -10.31
C GLY B 102 40.03 -13.15 -8.87
N VAL B 103 39.61 -12.01 -8.35
CA VAL B 103 39.93 -11.62 -6.99
C VAL B 103 39.34 -12.62 -5.97
N LEU B 104 38.07 -12.99 -6.13
CA LEU B 104 37.46 -13.94 -5.20
C LEU B 104 38.14 -15.31 -5.25
N ARG B 105 38.70 -15.63 -6.41
CA ARG B 105 39.44 -16.88 -6.57
C ARG B 105 40.80 -16.87 -5.88
N SER B 106 41.35 -15.68 -5.66
CA SER B 106 42.67 -15.58 -5.06
C SER B 106 42.62 -15.61 -3.54
N LEU B 107 41.41 -15.45 -2.99
CA LEU B 107 41.28 -15.21 -1.55
C LEU B 107 40.45 -16.24 -0.82
N PRO B 108 40.99 -17.45 -0.63
CA PRO B 108 40.22 -18.47 0.09
C PRO B 108 40.01 -18.08 1.56
N THR B 109 40.77 -17.10 2.07
CA THR B 109 40.56 -16.64 3.44
C THR B 109 39.34 -15.72 3.59
N LEU B 110 38.82 -15.22 2.46
CA LEU B 110 37.76 -14.22 2.52
C LEU B 110 36.47 -14.82 3.10
N ARG B 111 35.98 -14.23 4.17
CA ARG B 111 34.76 -14.70 4.83
C ARG B 111 33.57 -13.73 4.70
N GLU B 112 33.84 -12.43 4.67
CA GLU B 112 32.76 -11.45 4.65
C GLU B 112 33.03 -10.40 3.59
N LEU B 113 32.00 -10.09 2.81
CA LEU B 113 32.12 -9.16 1.69
C LEU B 113 30.94 -8.21 1.68
N HIS B 114 31.23 -6.92 1.79
CA HIS B 114 30.20 -5.88 1.76
C HIS B 114 30.34 -5.02 0.53
N LEU B 115 29.33 -5.05 -0.35
CA LEU B 115 29.38 -4.25 -1.56
C LEU B 115 28.14 -3.37 -1.75
N SER B 116 27.37 -3.21 -0.67
CA SER B 116 26.17 -2.38 -0.64
C SER B 116 26.42 -0.94 -1.10
N ASP B 117 25.39 -0.31 -1.67
CA ASP B 117 25.44 1.10 -2.05
C ASP B 117 26.42 1.35 -3.17
N ASN B 118 26.59 0.35 -4.04
CA ASN B 118 27.29 0.51 -5.30
C ASN B 118 26.35 0.05 -6.39
N PRO B 119 26.28 0.79 -7.50
CA PRO B 119 25.38 0.38 -8.59
C PRO B 119 26.01 -0.71 -9.47
N LEU B 120 26.18 -1.91 -8.94
CA LEU B 120 26.72 -3.03 -9.67
C LEU B 120 25.83 -3.31 -10.87
N GLY B 121 24.52 -3.20 -10.68
CA GLY B 121 23.57 -3.61 -11.69
C GLY B 121 23.57 -5.11 -11.90
N ASP B 122 22.62 -5.60 -12.69
CA ASP B 122 22.54 -7.03 -12.96
C ASP B 122 23.83 -7.56 -13.61
N ALA B 123 24.45 -6.76 -14.48
CA ALA B 123 25.66 -7.22 -15.15
C ALA B 123 26.83 -7.34 -14.17
N GLY B 124 26.97 -6.37 -13.26
CA GLY B 124 27.98 -6.45 -12.21
C GLY B 124 27.76 -7.65 -11.30
N LEU B 125 26.50 -7.88 -10.94
CA LEU B 125 26.18 -8.98 -10.05
C LEU B 125 26.59 -10.33 -10.66
N ARG B 126 26.30 -10.51 -11.96
CA ARG B 126 26.65 -11.74 -12.68
C ARG B 126 28.14 -12.05 -12.55
N LEU B 127 28.95 -11.02 -12.78
CA LEU B 127 30.39 -11.16 -12.67
C LEU B 127 30.81 -11.63 -11.27
N LEU B 128 30.30 -10.95 -10.23
CA LEU B 128 30.54 -11.34 -8.84
C LEU B 128 30.17 -12.80 -8.60
N CYS B 129 29.00 -13.19 -9.11
CA CYS B 129 28.53 -14.56 -8.90
C CYS B 129 29.43 -15.61 -9.56
N GLU B 130 30.08 -15.21 -10.66
CA GLU B 130 31.03 -16.11 -11.30
C GLU B 130 32.12 -16.44 -10.29
N GLY B 131 32.51 -15.44 -9.50
CA GLY B 131 33.46 -15.64 -8.43
C GLY B 131 32.92 -16.52 -7.30
N LEU B 132 31.66 -16.32 -6.94
CA LEU B 132 31.07 -17.07 -5.82
C LEU B 132 30.74 -18.54 -6.14
N LEU B 133 30.65 -18.86 -7.42
CA LEU B 133 30.41 -20.25 -7.83
C LEU B 133 31.67 -21.05 -7.50
N ASP B 134 31.47 -22.16 -6.78
CA ASP B 134 32.54 -22.88 -6.12
C ASP B 134 33.70 -23.29 -7.02
N ARG B 138 34.36 -19.96 -0.07
CA ARG B 138 33.92 -20.27 1.29
C ARG B 138 33.42 -19.02 2.03
N LEU B 139 32.90 -18.08 1.26
CA LEU B 139 32.30 -16.87 1.81
C LEU B 139 31.20 -17.20 2.82
N GLU B 140 31.17 -16.48 3.94
CA GLU B 140 30.13 -16.68 4.95
C GLU B 140 29.06 -15.58 4.96
N LYS B 141 29.47 -14.34 4.70
CA LYS B 141 28.56 -13.21 4.77
C LYS B 141 28.66 -12.32 3.54
N LEU B 142 27.52 -12.05 2.92
CA LEU B 142 27.47 -11.29 1.69
C LEU B 142 26.41 -10.21 1.79
N GLN B 143 26.80 -8.96 1.62
CA GLN B 143 25.87 -7.85 1.74
C GLN B 143 25.85 -7.02 0.48
N LEU B 144 24.65 -6.92 -0.11
CA LEU B 144 24.46 -6.28 -1.41
C LEU B 144 23.23 -5.34 -1.39
N GLU B 145 23.04 -4.58 -0.31
CA GLU B 145 21.95 -3.59 -0.25
C GLU B 145 22.14 -2.49 -1.28
N TYR B 146 21.04 -2.04 -1.89
CA TYR B 146 21.08 -0.90 -2.82
C TYR B 146 22.17 -1.08 -3.86
N CYS B 147 22.14 -2.21 -4.56
CA CYS B 147 23.12 -2.48 -5.61
C CYS B 147 22.56 -2.37 -7.03
N SER B 148 21.38 -1.75 -7.14
CA SER B 148 20.71 -1.55 -8.42
C SER B 148 20.36 -2.88 -9.12
N LEU B 149 19.95 -3.88 -8.33
CA LEU B 149 19.63 -5.20 -8.88
C LEU B 149 18.16 -5.30 -9.30
N THR B 150 17.90 -6.06 -10.36
CA THR B 150 16.52 -6.41 -10.69
C THR B 150 16.36 -7.92 -10.55
N ALA B 151 15.18 -8.43 -10.92
CA ALA B 151 14.93 -9.87 -10.91
C ALA B 151 15.97 -10.67 -11.70
N ALA B 152 16.54 -10.08 -12.74
CA ALA B 152 17.53 -10.76 -13.58
C ALA B 152 18.76 -11.22 -12.76
N SER B 153 19.07 -10.50 -11.69
CA SER B 153 20.19 -10.85 -10.80
C SER B 153 19.94 -12.11 -9.98
N CYS B 154 18.68 -12.51 -9.86
CA CYS B 154 18.34 -13.59 -8.93
C CYS B 154 18.62 -15.02 -9.42
N GLU B 155 18.63 -15.24 -10.73
CA GLU B 155 19.03 -16.56 -11.20
C GLU B 155 20.51 -16.82 -10.89
N PRO B 156 21.42 -15.88 -11.21
CA PRO B 156 22.82 -16.08 -10.81
C PRO B 156 23.01 -16.25 -9.29
N LEU B 157 22.27 -15.49 -8.48
CA LEU B 157 22.38 -15.68 -7.03
C LEU B 157 21.80 -17.00 -6.58
N ALA B 158 20.71 -17.41 -7.22
CA ALA B 158 20.09 -18.70 -6.90
C ALA B 158 21.08 -19.82 -7.17
N ALA B 159 21.86 -19.70 -8.25
CA ALA B 159 22.89 -20.69 -8.55
C ALA B 159 23.98 -20.74 -7.47
N VAL B 160 24.41 -19.56 -7.01
CA VAL B 160 25.36 -19.47 -5.92
C VAL B 160 24.82 -20.21 -4.69
N LEU B 161 23.58 -19.91 -4.34
CA LEU B 161 22.93 -20.51 -3.19
C LEU B 161 22.81 -22.04 -3.28
N ARG B 162 22.45 -22.54 -4.45
CA ARG B 162 22.38 -23.98 -4.70
C ARG B 162 23.69 -24.66 -4.41
N ALA B 163 24.79 -23.98 -4.75
CA ALA B 163 26.09 -24.60 -4.66
C ALA B 163 26.78 -24.42 -3.31
N THR B 164 26.56 -23.27 -2.66
CA THR B 164 27.28 -22.95 -1.44
C THR B 164 26.94 -23.89 -0.28
N ARG B 165 27.91 -24.14 0.58
CA ARG B 165 27.65 -24.85 1.82
C ARG B 165 28.03 -23.97 3.01
N ASP B 166 28.70 -22.87 2.73
CA ASP B 166 29.25 -22.04 3.81
C ASP B 166 28.49 -20.76 4.14
N LEU B 167 27.66 -20.29 3.21
CA LEU B 167 26.96 -19.01 3.40
C LEU B 167 26.09 -19.01 4.67
N LYS B 168 26.26 -17.97 5.47
CA LYS B 168 25.50 -17.81 6.72
C LYS B 168 24.63 -16.54 6.72
N GLU B 169 25.06 -15.54 5.98
CA GLU B 169 24.30 -14.29 5.93
C GLU B 169 24.13 -13.81 4.51
N LEU B 170 22.89 -13.55 4.14
CA LEU B 170 22.64 -12.92 2.86
C LEU B 170 21.79 -11.67 3.05
N VAL B 171 22.29 -10.54 2.59
CA VAL B 171 21.51 -9.31 2.66
C VAL B 171 21.34 -8.70 1.26
N VAL B 172 20.12 -8.74 0.74
CA VAL B 172 19.86 -8.14 -0.58
C VAL B 172 18.77 -7.06 -0.51
N SER B 173 18.56 -6.53 0.70
CA SER B 173 17.62 -5.44 0.97
C SER B 173 17.78 -4.23 0.06
N ASN B 174 16.67 -3.52 -0.18
CA ASN B 174 16.65 -2.32 -1.02
C ASN B 174 17.11 -2.56 -2.48
N ASN B 175 16.64 -3.66 -3.04
CA ASN B 175 16.78 -3.93 -4.47
C ASN B 175 15.44 -4.31 -5.08
N ASP B 176 15.24 -3.89 -6.33
CA ASP B 176 13.98 -4.15 -7.00
C ASP B 176 13.97 -5.55 -7.64
N ILE B 177 14.07 -6.59 -6.81
CA ILE B 177 14.06 -7.94 -7.36
C ILE B 177 12.64 -8.47 -7.53
N GLY B 178 11.71 -7.93 -6.76
CA GLY B 178 10.30 -8.25 -6.86
C GLY B 178 9.92 -9.73 -6.79
N GLU B 179 8.70 -10.01 -7.20
CA GLU B 179 8.09 -11.31 -6.98
C GLU B 179 8.84 -12.47 -7.60
N ALA B 180 9.17 -12.34 -8.89
CA ALA B 180 9.86 -13.39 -9.62
C ALA B 180 11.31 -13.54 -9.15
N GLY B 181 11.95 -12.43 -8.83
CA GLY B 181 13.31 -12.46 -8.30
C GLY B 181 13.36 -13.25 -7.01
N VAL B 182 12.51 -12.90 -6.05
CA VAL B 182 12.44 -13.60 -4.77
C VAL B 182 12.08 -15.08 -4.94
N GLN B 183 11.17 -15.38 -5.86
CA GLN B 183 10.81 -16.76 -6.14
C GLN B 183 12.03 -17.58 -6.62
N ALA B 184 12.81 -17.02 -7.53
CA ALA B 184 14.02 -17.67 -7.98
C ALA B 184 15.02 -17.82 -6.84
N LEU B 185 15.13 -16.82 -5.97
CA LEU B 185 16.04 -16.92 -4.83
C LEU B 185 15.66 -18.06 -3.91
N CYS B 186 14.36 -18.20 -3.65
CA CYS B 186 13.85 -19.24 -2.75
C CYS B 186 14.04 -20.67 -3.26
N ARG B 187 13.93 -20.86 -4.58
CA ARG B 187 14.19 -22.16 -5.18
C ARG B 187 15.66 -22.57 -5.01
N GLY B 188 16.55 -21.62 -5.25
CA GLY B 188 17.97 -21.85 -5.06
C GLY B 188 18.26 -22.25 -3.63
N LEU B 189 17.77 -21.44 -2.70
CA LEU B 189 17.92 -21.69 -1.28
C LEU B 189 17.28 -23.03 -0.83
N ALA B 190 16.13 -23.37 -1.43
CA ALA B 190 15.41 -24.60 -1.10
C ALA B 190 16.23 -25.85 -1.41
N GLU B 191 16.98 -25.78 -2.50
CA GLU B 191 17.82 -26.90 -2.93
C GLU B 191 19.27 -26.82 -2.40
N SER B 192 19.49 -25.91 -1.46
CA SER B 192 20.82 -25.67 -0.88
C SER B 192 21.16 -26.51 0.34
N ALA B 193 22.44 -26.84 0.50
CA ALA B 193 22.92 -27.47 1.74
C ALA B 193 23.41 -26.45 2.78
N CYS B 194 23.48 -25.18 2.41
CA CYS B 194 23.95 -24.17 3.37
C CYS B 194 23.03 -24.05 4.59
N GLN B 195 23.62 -23.64 5.71
CA GLN B 195 22.90 -23.44 6.97
C GLN B 195 22.79 -21.93 7.24
N LEU B 196 21.88 -21.26 6.55
CA LEU B 196 21.76 -19.80 6.67
C LEU B 196 21.34 -19.32 8.07
N GLU B 197 22.00 -18.30 8.59
CA GLU B 197 21.65 -17.74 9.89
C GLU B 197 20.89 -16.42 9.77
N THR B 198 21.18 -15.68 8.71
CA THR B 198 20.61 -14.33 8.52
C THR B 198 20.14 -14.11 7.10
N LEU B 199 18.88 -13.73 6.94
CA LEU B 199 18.35 -13.46 5.60
C LEU B 199 17.60 -12.15 5.56
N LYS B 200 18.05 -11.21 4.75
CA LYS B 200 17.37 -9.90 4.70
C LYS B 200 16.86 -9.51 3.34
N LEU B 201 15.55 -9.28 3.28
CA LEU B 201 14.82 -8.97 2.06
C LEU B 201 13.97 -7.73 2.27
N GLU B 202 14.49 -6.79 3.04
CA GLU B 202 13.79 -5.57 3.35
C GLU B 202 13.65 -4.73 2.07
N ASN B 203 12.44 -4.23 1.81
CA ASN B 203 12.20 -3.36 0.65
C ASN B 203 12.71 -3.98 -0.68
N CYS B 204 12.22 -5.18 -0.99
CA CYS B 204 12.65 -5.91 -2.17
C CYS B 204 11.52 -6.14 -3.16
N GLY B 205 10.35 -5.62 -2.84
CA GLY B 205 9.19 -5.77 -3.71
C GLY B 205 8.50 -7.11 -3.54
N LEU B 206 8.61 -7.69 -2.35
CA LEU B 206 7.94 -8.95 -2.07
C LEU B 206 6.43 -8.77 -2.10
N THR B 207 5.75 -9.85 -2.51
CA THR B 207 4.30 -9.89 -2.55
C THR B 207 3.79 -10.99 -1.61
N ALA B 208 2.47 -11.07 -1.45
CA ALA B 208 1.87 -12.13 -0.66
C ALA B 208 2.29 -13.51 -1.17
N ALA B 209 2.43 -13.64 -2.48
CA ALA B 209 2.82 -14.91 -3.10
C ALA B 209 4.21 -15.37 -2.65
N ASN B 210 5.13 -14.43 -2.45
CA ASN B 210 6.49 -14.76 -1.98
C ASN B 210 6.48 -15.39 -0.59
N CYS B 211 5.43 -15.09 0.18
CA CYS B 211 5.30 -15.64 1.52
C CYS B 211 5.09 -17.15 1.49
N LYS B 212 4.53 -17.64 0.39
CA LYS B 212 4.39 -19.09 0.18
C LYS B 212 5.77 -19.73 -0.02
N ASP B 213 6.60 -19.11 -0.84
CA ASP B 213 7.96 -19.60 -1.05
C ASP B 213 8.75 -19.53 0.26
N LEU B 214 8.61 -18.42 0.97
CA LEU B 214 9.35 -18.20 2.21
C LEU B 214 8.92 -19.15 3.31
N CYS B 215 7.66 -19.57 3.25
CA CYS B 215 7.11 -20.49 4.25
C CYS B 215 7.98 -21.75 4.31
N GLY B 216 8.30 -22.29 3.14
CA GLY B 216 9.17 -23.46 3.04
C GLY B 216 10.59 -23.22 3.54
N ILE B 217 11.15 -22.07 3.19
CA ILE B 217 12.51 -21.69 3.60
C ILE B 217 12.65 -21.62 5.10
N VAL B 218 11.75 -20.90 5.73
CA VAL B 218 11.77 -20.79 7.18
C VAL B 218 11.71 -22.16 7.87
N ALA B 219 10.91 -23.08 7.34
CA ALA B 219 10.85 -24.44 7.91
C ALA B 219 12.10 -25.25 7.55
N SER B 220 12.74 -24.98 6.41
CA SER B 220 13.86 -25.84 5.99
C SER B 220 15.21 -25.31 6.43
N GLN B 221 15.24 -24.12 7.01
CA GLN B 221 16.51 -23.55 7.46
C GLN B 221 16.45 -23.48 8.97
N ALA B 222 16.72 -24.63 9.59
CA ALA B 222 16.66 -24.78 11.04
C ALA B 222 17.64 -23.84 11.73
N SER B 223 18.72 -23.53 11.03
CA SER B 223 19.76 -22.66 11.54
C SER B 223 19.36 -21.17 11.51
N LEU B 224 18.25 -20.83 10.85
CA LEU B 224 17.89 -19.42 10.64
C LEU B 224 17.56 -18.68 11.95
N LYS B 225 18.22 -17.55 12.17
CA LYS B 225 18.07 -16.76 13.41
C LYS B 225 17.42 -15.39 13.21
N ASP B 226 17.70 -14.80 12.06
CA ASP B 226 17.32 -13.42 11.79
C ASP B 226 16.68 -13.32 10.39
N LEU B 227 15.41 -12.92 10.33
CA LEU B 227 14.69 -12.75 9.07
C LEU B 227 14.08 -11.35 9.00
N ASP B 228 14.50 -10.56 8.02
CA ASP B 228 14.02 -9.19 7.87
C ASP B 228 13.24 -9.07 6.56
N LEU B 229 11.93 -8.91 6.67
CA LEU B 229 11.09 -8.75 5.48
C LEU B 229 10.40 -7.40 5.53
N GLY B 230 11.00 -6.44 6.22
CA GLY B 230 10.36 -5.15 6.39
C GLY B 230 10.11 -4.44 5.08
N SER B 231 9.12 -3.55 5.08
CA SER B 231 8.83 -2.67 3.96
C SER B 231 8.54 -3.43 2.67
N ASN B 232 7.65 -4.42 2.75
CA ASN B 232 7.12 -5.10 1.56
C ASN B 232 5.59 -5.15 1.66
N ARG B 233 4.90 -5.23 0.54
CA ARG B 233 3.44 -5.33 0.55
C ARG B 233 3.06 -6.79 0.72
N LEU B 234 3.22 -7.32 1.93
CA LEU B 234 2.93 -8.71 2.21
C LEU B 234 1.42 -8.92 2.39
N GLY B 235 0.80 -8.08 3.24
CA GLY B 235 -0.60 -8.20 3.58
C GLY B 235 -0.86 -9.35 4.55
N ASP B 236 -2.03 -9.34 5.17
CA ASP B 236 -2.48 -10.45 6.01
C ASP B 236 -2.46 -11.78 5.24
N ALA B 237 -2.80 -11.74 3.96
CA ALA B 237 -2.81 -12.96 3.14
C ALA B 237 -1.40 -13.51 3.02
N GLY B 238 -0.44 -12.60 2.90
CA GLY B 238 0.95 -13.03 2.90
C GLY B 238 1.37 -13.62 4.24
N LEU B 239 1.19 -12.87 5.32
CA LEU B 239 1.63 -13.33 6.62
C LEU B 239 0.95 -14.65 6.99
N ALA B 240 -0.32 -14.80 6.64
CA ALA B 240 -1.05 -16.05 6.92
C ALA B 240 -0.38 -17.25 6.25
N GLU B 241 0.17 -17.07 5.06
CA GLU B 241 0.85 -18.18 4.38
C GLU B 241 2.26 -18.44 4.95
N LEU B 242 2.83 -17.44 5.61
CA LEU B 242 4.16 -17.54 6.21
C LEU B 242 4.14 -18.25 7.56
N CYS B 243 3.10 -17.99 8.35
CA CYS B 243 3.02 -18.52 9.72
C CYS B 243 3.15 -20.05 9.94
N PRO B 244 2.60 -20.88 9.03
CA PRO B 244 2.76 -22.33 9.25
C PRO B 244 4.23 -22.73 9.23
N GLY B 245 5.01 -22.06 8.40
CA GLY B 245 6.45 -22.23 8.42
C GLY B 245 7.08 -21.77 9.71
N LEU B 246 6.59 -20.65 10.26
CA LEU B 246 7.16 -20.14 11.52
C LEU B 246 6.77 -21.01 12.70
N LEU B 247 5.68 -21.75 12.56
CA LEU B 247 5.20 -22.66 13.61
C LEU B 247 5.86 -24.02 13.53
N SER B 248 6.60 -24.25 12.46
CA SER B 248 7.29 -25.51 12.27
C SER B 248 8.27 -25.73 13.41
N PRO B 249 8.26 -26.93 14.02
CA PRO B 249 9.20 -27.27 15.10
C PRO B 249 10.67 -27.04 14.72
N SER B 250 11.01 -27.13 13.43
CA SER B 250 12.39 -26.92 13.05
C SER B 250 12.76 -25.42 13.07
N SER B 251 11.76 -24.55 12.99
CA SER B 251 12.08 -23.13 12.96
C SER B 251 12.41 -22.62 14.35
N GLN B 252 13.61 -22.07 14.54
CA GLN B 252 14.00 -21.50 15.83
C GLN B 252 14.47 -20.05 15.64
N LEU B 253 13.70 -19.33 14.82
CA LEU B 253 13.95 -17.93 14.53
C LEU B 253 14.04 -17.09 15.82
N ARG B 254 15.07 -16.24 15.90
CA ARG B 254 15.25 -15.38 17.07
C ARG B 254 14.72 -13.96 16.81
N THR B 255 14.84 -13.50 15.58
CA THR B 255 14.49 -12.11 15.24
C THR B 255 13.66 -12.06 13.98
N LEU B 256 12.51 -11.41 14.07
CA LEU B 256 11.58 -11.34 12.95
C LEU B 256 11.19 -9.88 12.75
N TRP B 257 11.47 -9.36 11.56
CA TRP B 257 11.19 -7.97 11.25
C TRP B 257 10.06 -7.90 10.24
N LEU B 258 8.90 -7.42 10.67
CA LEU B 258 7.75 -7.34 9.77
C LEU B 258 7.16 -5.92 9.73
N TRP B 259 8.03 -4.92 9.80
CA TRP B 259 7.58 -3.52 9.81
C TRP B 259 7.09 -3.07 8.45
N GLU B 260 6.12 -2.16 8.44
CA GLU B 260 5.52 -1.67 7.20
C GLU B 260 5.28 -2.81 6.20
N CYS B 261 4.54 -3.81 6.64
CA CYS B 261 4.23 -4.93 5.76
C CYS B 261 2.75 -4.97 5.36
N ASP B 262 2.09 -3.82 5.49
CA ASP B 262 0.66 -3.68 5.16
C ASP B 262 -0.22 -4.66 5.93
N LEU B 263 0.13 -4.89 7.20
CA LEU B 263 -0.63 -5.79 8.06
C LEU B 263 -1.73 -5.08 8.84
N THR B 264 -2.84 -5.78 9.07
CA THR B 264 -3.88 -5.32 10.02
C THR B 264 -4.00 -6.27 11.21
N VAL B 265 -5.06 -6.09 12.00
CA VAL B 265 -5.34 -6.95 13.15
C VAL B 265 -5.42 -8.45 12.79
N SER B 266 -5.96 -8.76 11.60
CA SER B 266 -6.15 -10.15 11.17
C SER B 266 -4.85 -10.93 11.06
N GLY B 267 -3.85 -10.32 10.41
CA GLY B 267 -2.53 -10.91 10.27
C GLY B 267 -1.86 -10.98 11.62
N CYS B 268 -2.05 -9.94 12.41
CA CYS B 268 -1.50 -9.93 13.76
C CYS B 268 -2.02 -11.13 14.51
N ARG B 269 -3.33 -11.40 14.35
CA ARG B 269 -3.96 -12.55 14.99
C ARG B 269 -3.30 -13.87 14.58
N GLU B 270 -3.03 -14.05 13.29
CA GLU B 270 -2.31 -15.25 12.84
C GLU B 270 -0.94 -15.32 13.49
N LEU B 271 -0.24 -14.19 13.50
CA LEU B 271 1.11 -14.11 14.08
C LEU B 271 1.13 -14.43 15.58
N CYS B 272 0.07 -14.08 16.29
CA CYS B 272 -0.02 -14.39 17.72
C CYS B 272 0.07 -15.88 18.03
N ARG B 273 -0.35 -16.71 17.06
CA ARG B 273 -0.20 -18.15 17.18
C ARG B 273 1.26 -18.54 17.31
N VAL B 274 2.10 -17.89 16.52
CA VAL B 274 3.53 -18.14 16.59
C VAL B 274 4.12 -17.72 17.92
N LEU B 275 3.71 -16.54 18.39
CA LEU B 275 4.25 -15.94 19.59
C LEU B 275 4.00 -16.81 20.83
N GLN B 276 2.87 -17.51 20.84
CA GLN B 276 2.51 -18.38 21.98
C GLN B 276 3.23 -19.73 21.95
N ALA B 277 3.61 -20.17 20.75
CA ALA B 277 4.17 -21.51 20.53
C ALA B 277 5.71 -21.57 20.44
N LYS B 278 6.35 -20.45 20.08
CA LYS B 278 7.79 -20.48 19.81
C LYS B 278 8.67 -19.72 20.82
N GLU B 279 9.28 -20.46 21.72
CA GLU B 279 10.14 -19.91 22.77
C GLU B 279 11.46 -19.27 22.29
N ALA B 280 11.95 -19.65 21.11
CA ALA B 280 13.17 -19.07 20.59
C ALA B 280 13.03 -17.62 20.11
N LEU B 281 11.80 -17.22 19.83
CA LEU B 281 11.57 -15.90 19.27
C LEU B 281 11.79 -14.84 20.35
N LYS B 282 12.83 -14.02 20.19
CA LYS B 282 13.20 -12.99 21.18
C LYS B 282 12.92 -11.54 20.77
N GLU B 283 13.01 -11.25 19.47
CA GLU B 283 12.86 -9.88 18.96
C GLU B 283 11.88 -9.80 17.79
N LEU B 284 10.90 -8.90 17.90
CA LEU B 284 9.89 -8.76 16.86
C LEU B 284 9.63 -7.29 16.61
N SER B 285 9.59 -6.92 15.34
CA SER B 285 9.07 -5.62 14.98
C SER B 285 7.82 -5.76 14.15
N LEU B 286 6.76 -5.07 14.58
CA LEU B 286 5.55 -4.93 13.77
C LEU B 286 5.26 -3.45 13.49
N ALA B 287 6.29 -2.64 13.65
CA ALA B 287 6.21 -1.19 13.48
C ALA B 287 5.61 -0.77 12.14
N GLY B 288 4.90 0.34 12.12
CA GLY B 288 4.40 0.88 10.88
C GLY B 288 3.32 0.06 10.18
N ASN B 289 2.62 -0.76 10.96
CA ASN B 289 1.44 -1.47 10.47
C ASN B 289 0.26 -0.94 11.25
N SER B 290 -0.88 -0.71 10.59
CA SER B 290 -2.09 -0.26 11.29
C SER B 290 -2.77 -1.38 12.09
N LEU B 291 -2.33 -1.60 13.31
CA LEU B 291 -2.86 -2.70 14.11
C LEU B 291 -3.98 -2.24 15.04
N GLY B 292 -3.94 -0.96 15.44
CA GLY B 292 -4.94 -0.41 16.33
C GLY B 292 -4.95 -1.02 17.72
N ASP B 293 -5.84 -0.50 18.56
CA ASP B 293 -5.94 -0.95 19.95
C ASP B 293 -6.27 -2.43 20.05
N GLU B 294 -7.01 -2.92 19.07
CA GLU B 294 -7.31 -4.34 18.95
C GLU B 294 -6.03 -5.14 18.81
N GLY B 295 -5.16 -4.71 17.90
CA GLY B 295 -3.86 -5.36 17.72
C GLY B 295 -3.07 -5.37 19.00
N ALA B 296 -3.03 -4.23 19.68
CA ALA B 296 -2.27 -4.13 20.92
C ALA B 296 -2.80 -5.11 21.96
N GLN B 297 -4.12 -5.28 21.98
CA GLN B 297 -4.75 -6.21 22.92
C GLN B 297 -4.33 -7.66 22.66
N LEU B 298 -4.43 -8.07 21.41
CA LEU B 298 -3.98 -9.41 21.01
C LEU B 298 -2.51 -9.64 21.38
N LEU B 299 -1.66 -8.67 21.09
CA LEU B 299 -0.24 -8.81 21.41
C LEU B 299 -0.04 -8.97 22.92
N CYS B 300 -0.77 -8.16 23.70
CA CYS B 300 -0.63 -8.22 25.14
C CYS B 300 -1.07 -9.58 25.70
N GLU B 301 -2.13 -10.13 25.12
CA GLU B 301 -2.61 -11.45 25.52
C GLU B 301 -1.56 -12.54 25.25
N SER B 302 -0.92 -12.50 24.08
CA SER B 302 0.14 -13.46 23.75
C SER B 302 1.36 -13.35 24.66
N LEU B 303 1.66 -12.11 25.05
CA LEU B 303 2.80 -11.83 25.91
C LEU B 303 2.57 -12.34 27.34
N LEU B 304 1.33 -12.71 27.65
CA LEU B 304 1.02 -13.28 28.96
C LEU B 304 0.95 -14.81 28.94
N GLN B 305 1.08 -15.39 27.75
CA GLN B 305 1.14 -16.85 27.62
C GLN B 305 2.54 -17.37 27.91
N PRO B 306 2.60 -18.53 28.59
CA PRO B 306 3.84 -19.13 29.10
C PRO B 306 4.87 -19.40 28.00
N GLY B 307 4.44 -19.84 26.84
CA GLY B 307 5.38 -20.15 25.77
C GLY B 307 6.03 -18.92 25.13
N CYS B 308 5.50 -17.73 25.40
CA CYS B 308 6.04 -16.51 24.80
C CYS B 308 7.21 -15.94 25.59
N GLN B 309 8.40 -16.01 25.01
CA GLN B 309 9.59 -15.57 25.70
C GLN B 309 10.17 -14.31 25.07
N LEU B 310 9.32 -13.57 24.36
CA LEU B 310 9.75 -12.34 23.68
C LEU B 310 10.44 -11.37 24.63
N GLU B 311 11.57 -10.83 24.19
CA GLU B 311 12.35 -9.91 25.02
C GLU B 311 12.35 -8.48 24.49
N SER B 312 11.94 -8.30 23.23
CA SER B 312 11.91 -6.98 22.63
C SER B 312 10.77 -6.88 21.64
N LEU B 313 9.89 -5.91 21.84
CA LEU B 313 8.76 -5.69 20.95
C LEU B 313 8.79 -4.28 20.38
N TRP B 314 8.91 -4.17 19.06
CA TRP B 314 8.91 -2.87 18.39
C TRP B 314 7.58 -2.66 17.72
N VAL B 315 6.78 -1.73 18.22
CA VAL B 315 5.48 -1.40 17.64
C VAL B 315 5.30 0.12 17.54
N LYS B 316 6.34 0.80 17.07
CA LYS B 316 6.24 2.21 16.73
C LYS B 316 5.27 2.40 15.59
N SER B 317 4.53 3.52 15.61
CA SER B 317 3.60 3.85 14.52
C SER B 317 2.62 2.73 14.17
N CYS B 318 1.87 2.25 15.17
CA CYS B 318 0.93 1.17 14.93
C CYS B 318 -0.52 1.60 15.10
N GLY B 319 -0.72 2.90 15.30
CA GLY B 319 -2.04 3.46 15.52
C GLY B 319 -2.65 3.09 16.86
N PHE B 320 -1.81 2.99 17.90
CA PHE B 320 -2.29 2.75 19.26
C PHE B 320 -2.71 4.06 19.95
N THR B 321 -3.76 4.02 20.77
CA THR B 321 -4.19 5.18 21.56
C THR B 321 -4.11 4.91 23.07
N ALA B 322 -4.52 5.89 23.86
CA ALA B 322 -4.55 5.71 25.31
C ALA B 322 -5.39 4.50 25.73
N ALA B 323 -6.39 4.18 24.92
CA ALA B 323 -7.31 3.09 25.23
C ALA B 323 -6.62 1.73 25.33
N CYS B 324 -5.48 1.58 24.68
CA CYS B 324 -4.74 0.31 24.72
C CYS B 324 -3.84 0.18 25.95
N CYS B 325 -3.59 1.28 26.64
CA CYS B 325 -2.52 1.33 27.62
C CYS B 325 -2.75 0.48 28.87
N GLN B 326 -4.01 0.30 29.24
CA GLN B 326 -4.38 -0.59 30.34
C GLN B 326 -3.88 -2.03 30.08
N HIS B 327 -4.10 -2.52 28.85
CA HIS B 327 -3.57 -3.82 28.46
C HIS B 327 -2.06 -3.90 28.60
N PHE B 328 -1.34 -2.90 28.07
CA PHE B 328 0.11 -2.90 28.24
C PHE B 328 0.49 -2.90 29.71
N SER B 329 -0.24 -2.12 30.51
CA SER B 329 0.04 -2.06 31.95
C SER B 329 -0.11 -3.43 32.61
N SER B 330 -1.19 -4.15 32.31
CA SER B 330 -1.39 -5.48 32.88
C SER B 330 -0.27 -6.41 32.47
N MET B 331 0.03 -6.42 31.18
CA MET B 331 1.09 -7.25 30.67
C MET B 331 2.41 -6.92 31.37
N LEU B 332 2.68 -5.63 31.56
CA LEU B 332 3.96 -5.22 32.11
C LEU B 332 4.18 -5.61 33.59
N THR B 333 3.10 -5.69 34.34
CA THR B 333 3.20 -6.11 35.73
C THR B 333 3.38 -7.63 35.86
N GLN B 334 2.94 -8.39 34.86
CA GLN B 334 2.98 -9.86 34.95
C GLN B 334 4.12 -10.52 34.16
N ASN B 335 4.41 -9.97 32.97
CA ASN B 335 5.43 -10.55 32.10
C ASN B 335 6.82 -10.36 32.69
N LYS B 336 7.61 -11.43 32.74
CA LYS B 336 8.96 -11.35 33.31
C LYS B 336 10.06 -11.56 32.27
N HIS B 337 9.71 -11.47 30.99
CA HIS B 337 10.68 -11.69 29.92
C HIS B 337 10.96 -10.44 29.07
N LEU B 338 9.92 -9.67 28.81
CA LEU B 338 10.01 -8.49 27.96
C LEU B 338 10.88 -7.40 28.60
N LEU B 339 11.98 -7.08 27.92
CA LEU B 339 12.91 -6.07 28.42
C LEU B 339 12.80 -4.75 27.65
N GLU B 340 12.25 -4.79 26.44
CA GLU B 340 12.21 -3.58 25.60
C GLU B 340 10.88 -3.45 24.88
N LEU B 341 10.29 -2.27 24.99
CA LEU B 341 9.01 -2.00 24.40
C LEU B 341 9.10 -0.65 23.72
N GLN B 342 8.88 -0.63 22.40
CA GLN B 342 8.93 0.61 21.62
C GLN B 342 7.54 1.05 21.20
N LEU B 343 7.11 2.18 21.77
CA LEU B 343 5.75 2.66 21.56
C LEU B 343 5.73 4.03 20.89
N SER B 344 6.89 4.50 20.43
CA SER B 344 6.98 5.78 19.75
C SER B 344 6.01 5.97 18.58
N SER B 345 5.62 7.23 18.36
CA SER B 345 4.75 7.58 17.24
C SER B 345 3.41 6.86 17.30
N ASN B 346 2.93 6.64 18.53
CA ASN B 346 1.53 6.30 18.77
C ASN B 346 0.91 7.39 19.62
N PRO B 347 -0.28 7.88 19.22
CA PRO B 347 -0.93 8.96 19.95
C PRO B 347 -1.46 8.52 21.32
N LEU B 348 -0.56 8.17 22.22
CA LEU B 348 -0.91 7.70 23.54
C LEU B 348 -1.36 8.85 24.45
N GLY B 349 -0.76 10.02 24.25
CA GLY B 349 -1.03 11.20 25.06
C GLY B 349 -0.62 11.07 26.51
N ASP B 350 -0.76 12.15 27.27
CA ASP B 350 -0.43 12.14 28.69
C ASP B 350 -1.18 11.04 29.45
N ALA B 351 -2.47 10.89 29.14
CA ALA B 351 -3.29 9.92 29.85
C ALA B 351 -2.75 8.50 29.66
N GLY B 352 -2.48 8.14 28.41
CA GLY B 352 -1.97 6.82 28.10
C GLY B 352 -0.66 6.50 28.79
N VAL B 353 0.31 7.40 28.69
CA VAL B 353 1.63 7.16 29.26
C VAL B 353 1.55 7.13 30.77
N HIS B 354 0.60 7.88 31.31
CA HIS B 354 0.38 7.86 32.75
C HIS B 354 0.05 6.44 33.22
N VAL B 355 -0.85 5.78 32.51
CA VAL B 355 -1.19 4.38 32.81
C VAL B 355 0.06 3.48 32.77
N LEU B 356 0.91 3.67 31.75
CA LEU B 356 2.17 2.94 31.66
C LEU B 356 3.12 3.21 32.84
N CYS B 357 3.19 4.47 33.28
CA CYS B 357 4.02 4.81 34.43
C CYS B 357 3.65 4.06 35.71
N GLN B 358 2.35 3.91 36.00
CA GLN B 358 1.93 3.23 37.22
C GLN B 358 2.37 1.77 37.21
N ALA B 359 2.24 1.12 36.05
CA ALA B 359 2.62 -0.28 35.90
C ALA B 359 4.08 -0.49 36.23
N LEU B 360 4.93 0.37 35.67
CA LEU B 360 6.38 0.17 35.75
C LEU B 360 6.95 0.56 37.11
N GLY B 361 6.20 1.36 37.86
CA GLY B 361 6.57 1.71 39.22
C GLY B 361 6.61 0.53 40.18
N GLN B 362 5.69 -0.41 39.98
CA GLN B 362 5.52 -1.57 40.85
C GLN B 362 6.79 -2.39 41.04
N PRO B 363 6.98 -2.96 42.24
CA PRO B 363 8.17 -3.81 42.41
C PRO B 363 8.02 -5.15 41.70
N GLY B 364 9.14 -5.76 41.32
CA GLY B 364 9.09 -7.00 40.57
C GLY B 364 8.95 -6.87 39.06
N THR B 365 8.71 -5.67 38.55
CA THR B 365 8.64 -5.51 37.09
C THR B 365 10.04 -5.58 36.48
N VAL B 366 10.14 -5.91 35.20
CA VAL B 366 11.47 -6.16 34.62
C VAL B 366 11.90 -5.26 33.45
N LEU B 367 10.95 -4.54 32.87
CA LEU B 367 11.23 -3.78 31.65
C LEU B 367 12.43 -2.85 31.77
N ARG B 368 13.37 -2.98 30.83
CA ARG B 368 14.58 -2.16 30.86
C ARG B 368 14.56 -0.95 29.94
N VAL B 369 13.87 -1.06 28.81
CA VAL B 369 13.91 -0.01 27.80
C VAL B 369 12.49 0.33 27.37
N LEU B 370 12.13 1.62 27.45
CA LEU B 370 10.82 2.11 27.04
C LEU B 370 10.96 3.29 26.07
N TRP B 371 10.33 3.17 24.91
CA TRP B 371 10.32 4.28 23.96
C TRP B 371 8.92 4.84 23.94
N VAL B 372 8.78 6.12 24.30
CA VAL B 372 7.51 6.82 24.15
C VAL B 372 7.74 8.18 23.49
N GLY B 373 8.59 8.21 22.46
CA GLY B 373 8.86 9.44 21.74
C GLY B 373 7.74 9.71 20.75
N ASP B 374 7.45 10.98 20.47
CA ASP B 374 6.43 11.34 19.49
C ASP B 374 5.08 10.70 19.84
N CYS B 375 4.71 10.80 21.11
CA CYS B 375 3.48 10.22 21.62
C CYS B 375 2.50 11.30 22.10
N GLU B 376 2.62 12.51 21.56
CA GLU B 376 1.79 13.65 21.95
C GLU B 376 1.94 14.02 23.42
N LEU B 377 3.13 13.84 23.99
CA LEU B 377 3.30 14.15 25.40
C LEU B 377 3.47 15.68 25.63
N THR B 378 3.03 16.16 26.81
CA THR B 378 3.19 17.57 27.16
C THR B 378 3.95 17.66 28.47
N ASN B 379 4.21 18.89 28.94
CA ASN B 379 4.83 19.06 30.25
C ASN B 379 4.03 18.41 31.38
N SER B 380 2.72 18.24 31.18
CA SER B 380 1.85 17.61 32.19
C SER B 380 2.23 16.16 32.53
N SER B 381 2.89 15.46 31.61
CA SER B 381 3.28 14.07 31.85
C SER B 381 4.55 13.91 32.68
N CYS B 382 5.27 15.00 32.89
CA CYS B 382 6.59 14.89 33.52
C CYS B 382 6.55 14.69 35.03
N GLY B 383 5.41 14.99 35.65
CA GLY B 383 5.21 14.59 37.02
C GLY B 383 5.30 13.08 37.13
N GLY B 384 4.44 12.39 36.38
CA GLY B 384 4.47 10.94 36.32
C GLY B 384 5.82 10.33 35.93
N LEU B 385 6.42 10.88 34.87
CA LEU B 385 7.70 10.37 34.37
C LEU B 385 8.79 10.53 35.40
N ALA B 386 8.84 11.69 36.05
CA ALA B 386 9.82 11.92 37.13
C ALA B 386 9.61 10.96 38.30
N SER B 387 8.35 10.68 38.60
CA SER B 387 8.03 9.75 39.67
C SER B 387 8.47 8.34 39.27
N LEU B 388 8.25 8.01 38.00
CA LEU B 388 8.69 6.72 37.49
C LEU B 388 10.20 6.55 37.64
N LEU B 389 10.95 7.64 37.48
CA LEU B 389 12.41 7.56 37.55
C LEU B 389 12.97 7.23 38.93
N LEU B 390 12.16 7.47 39.96
CA LEU B 390 12.54 7.13 41.33
C LEU B 390 11.98 5.77 41.73
N ALA B 391 10.83 5.43 41.15
CA ALA B 391 10.08 4.24 41.55
C ALA B 391 10.47 2.92 40.88
N SER B 392 10.84 2.99 39.61
CA SER B 392 11.11 1.78 38.84
C SER B 392 12.31 0.97 39.30
N PRO B 393 12.14 -0.34 39.45
CA PRO B 393 13.24 -1.25 39.82
C PRO B 393 14.12 -1.66 38.63
N SER B 394 13.61 -1.54 37.41
CA SER B 394 14.27 -2.13 36.23
C SER B 394 14.62 -1.16 35.11
N LEU B 395 13.90 -0.04 35.01
CA LEU B 395 14.10 0.90 33.91
C LEU B 395 15.53 1.42 33.82
N ARG B 396 16.13 1.27 32.64
CA ARG B 396 17.49 1.73 32.40
C ARG B 396 17.60 2.75 31.27
N GLU B 397 16.67 2.74 30.33
CA GLU B 397 16.72 3.65 29.18
C GLU B 397 15.32 4.14 28.89
N LEU B 398 15.16 5.46 28.81
CA LEU B 398 13.85 6.05 28.54
C LEU B 398 13.97 7.08 27.43
N ASP B 399 13.16 6.91 26.38
CA ASP B 399 13.19 7.78 25.22
C ASP B 399 11.92 8.64 25.20
N LEU B 400 12.11 9.95 25.38
CA LEU B 400 11.00 10.93 25.35
C LEU B 400 11.07 11.87 24.14
N SER B 401 11.93 11.53 23.16
CA SER B 401 12.20 12.39 22.00
C SER B 401 10.95 12.84 21.25
N ASN B 402 11.04 13.99 20.59
CA ASN B 402 10.00 14.41 19.66
C ASN B 402 8.62 14.58 20.33
N ASN B 403 8.62 15.03 21.58
CA ASN B 403 7.41 15.48 22.28
C ASN B 403 7.48 16.96 22.57
N GLY B 404 6.33 17.60 22.73
CA GLY B 404 6.31 19.01 23.07
C GLY B 404 6.64 19.36 24.52
N LEU B 405 7.77 18.86 25.01
CA LEU B 405 8.21 19.20 26.36
C LEU B 405 9.06 20.45 26.34
N GLY B 406 9.05 21.20 27.44
CA GLY B 406 9.87 22.37 27.58
C GLY B 406 10.43 22.49 28.97
N ASP B 407 10.88 23.70 29.31
CA ASP B 407 11.54 23.97 30.60
C ASP B 407 10.85 23.32 31.83
N PRO B 408 9.55 23.61 32.06
CA PRO B 408 8.93 23.05 33.27
C PRO B 408 8.97 21.51 33.34
N GLY B 409 8.70 20.82 32.23
CA GLY B 409 8.77 19.37 32.24
C GLY B 409 10.17 18.82 32.46
N VAL B 410 11.15 19.37 31.74
CA VAL B 410 12.52 18.88 31.84
C VAL B 410 13.07 19.15 33.25
N LEU B 411 12.71 20.31 33.79
CA LEU B 411 13.10 20.67 35.15
C LEU B 411 12.58 19.64 36.15
N GLN B 412 11.35 19.17 35.94
CA GLN B 412 10.81 18.07 36.75
C GLN B 412 11.62 16.77 36.63
N LEU B 413 11.97 16.41 35.40
CA LEU B 413 12.74 15.19 35.17
C LEU B 413 14.09 15.33 35.86
N LEU B 414 14.65 16.53 35.78
CA LEU B 414 15.94 16.83 36.40
C LEU B 414 15.93 16.59 37.92
N GLY B 415 14.80 16.87 38.57
CA GLY B 415 14.68 16.65 40.00
C GLY B 415 14.97 15.22 40.42
N SER B 416 14.47 14.26 39.64
CA SER B 416 14.67 12.84 39.94
C SER B 416 16.06 12.38 39.54
N LEU B 417 16.54 12.88 38.40
CA LEU B 417 17.84 12.46 37.86
C LEU B 417 18.99 12.86 38.78
N GLU B 418 18.79 13.94 39.54
CA GLU B 418 19.76 14.38 40.53
C GLU B 418 19.87 13.41 41.70
N GLN B 419 18.76 12.73 42.02
CA GLN B 419 18.74 11.87 43.21
C GLN B 419 19.62 10.66 43.03
N PRO B 420 20.40 10.33 44.07
CA PRO B 420 21.28 9.15 44.05
C PRO B 420 20.48 7.85 43.93
N ALA B 421 19.22 7.88 44.34
CA ALA B 421 18.32 6.74 44.20
C ALA B 421 17.98 6.40 42.73
N CYS B 422 18.19 7.36 41.84
CA CYS B 422 17.85 7.17 40.43
C CYS B 422 19.02 6.57 39.67
N SER B 423 18.79 5.40 39.08
CA SER B 423 19.86 4.68 38.38
C SER B 423 19.62 4.49 36.88
N LEU B 424 18.78 5.36 36.29
CA LEU B 424 18.61 5.42 34.84
C LEU B 424 19.97 5.60 34.15
N GLU B 425 20.22 4.81 33.11
CA GLU B 425 21.48 4.92 32.37
C GLU B 425 21.40 5.88 31.19
N GLN B 426 20.25 5.90 30.51
CA GLN B 426 20.06 6.80 29.37
C GLN B 426 18.69 7.48 29.38
N LEU B 427 18.70 8.81 29.32
CA LEU B 427 17.49 9.55 29.05
C LEU B 427 17.63 10.19 27.68
N VAL B 428 16.67 9.91 26.79
CA VAL B 428 16.76 10.38 25.43
C VAL B 428 15.83 11.52 25.18
N LEU B 429 16.40 12.65 24.77
CA LEU B 429 15.64 13.88 24.61
C LEU B 429 15.90 14.56 23.27
N TYR B 430 15.96 13.80 22.18
CA TYR B 430 16.17 14.40 20.85
C TYR B 430 15.02 15.33 20.50
N ASP B 431 15.36 16.49 19.95
CA ASP B 431 14.40 17.47 19.43
C ASP B 431 13.46 18.03 20.48
N ILE B 432 13.92 18.04 21.73
CA ILE B 432 13.17 18.66 22.82
C ILE B 432 13.79 20.04 23.07
N TYR B 433 12.98 21.08 23.04
CA TYR B 433 13.53 22.42 23.26
C TYR B 433 13.51 22.85 24.74
N TRP B 434 14.69 23.00 25.34
CA TRP B 434 14.76 23.67 26.65
C TRP B 434 15.70 24.86 26.52
N THR B 435 15.48 25.88 27.34
CA THR B 435 16.21 27.14 27.21
C THR B 435 17.57 27.11 27.89
N GLU B 436 18.31 28.20 27.74
CA GLU B 436 19.67 28.26 28.21
C GLU B 436 19.77 28.00 29.71
N ALA B 437 18.87 28.62 30.46
CA ALA B 437 18.88 28.50 31.92
C ALA B 437 18.83 27.04 32.34
N VAL B 438 17.88 26.30 31.78
CA VAL B 438 17.72 24.86 32.04
C VAL B 438 18.94 24.04 31.63
N ASP B 439 19.58 24.42 30.52
CA ASP B 439 20.71 23.64 30.01
C ASP B 439 21.87 23.56 30.98
N GLU B 440 22.18 24.66 31.65
CA GLU B 440 23.30 24.64 32.58
C GLU B 440 23.00 23.73 33.76
N ARG B 441 21.76 23.77 34.25
CA ARG B 441 21.30 22.83 35.27
C ARG B 441 21.43 21.40 34.79
N LEU B 442 21.13 21.21 33.51
CA LEU B 442 21.16 19.90 32.91
C LEU B 442 22.61 19.41 32.81
N ARG B 443 23.49 20.31 32.41
CA ARG B 443 24.91 20.03 32.33
C ARG B 443 25.44 19.58 33.69
N ALA B 444 25.03 20.28 34.74
CA ALA B 444 25.46 19.95 36.11
C ALA B 444 25.16 18.51 36.52
N VAL B 445 23.89 18.12 36.39
CA VAL B 445 23.45 16.76 36.72
C VAL B 445 24.28 15.73 35.98
N GLU B 446 24.49 16.00 34.71
CA GLU B 446 25.32 15.18 33.86
C GLU B 446 26.72 14.97 34.44
N GLU B 447 27.38 16.06 34.81
CA GLU B 447 28.72 15.99 35.39
C GLU B 447 28.69 15.26 36.73
N SER B 448 27.61 15.47 37.48
CA SER B 448 27.40 14.81 38.76
C SER B 448 27.19 13.29 38.68
N LYS B 449 26.60 12.82 37.58
CA LYS B 449 26.31 11.40 37.45
C LYS B 449 26.90 10.77 36.18
N PRO B 450 28.13 10.25 36.29
CA PRO B 450 28.82 9.65 35.13
C PRO B 450 28.15 8.38 34.60
N GLY B 451 27.36 7.70 35.44
CA GLY B 451 26.62 6.52 34.99
C GLY B 451 25.48 6.84 34.03
N LEU B 452 25.16 8.13 33.91
CA LEU B 452 23.99 8.58 33.18
C LEU B 452 24.39 9.35 31.92
N ARG B 453 23.66 9.10 30.83
CA ARG B 453 23.80 9.90 29.63
C ARG B 453 22.48 10.57 29.30
N ILE B 454 22.53 11.86 29.01
CA ILE B 454 21.34 12.54 28.53
C ILE B 454 21.58 12.83 27.05
N ILE B 455 20.79 12.20 26.20
CA ILE B 455 21.05 12.22 24.77
C ILE B 455 20.15 13.18 23.98
N SER B 456 20.76 14.02 23.17
CA SER B 456 20.02 14.90 22.27
C SER B 456 20.89 15.39 21.11
N GLU C 2 4.93 -0.37 -0.33
CA GLU C 2 5.09 -0.75 -1.73
C GLU C 2 5.89 0.32 -2.51
N THR C 3 6.99 -0.07 -3.12
CA THR C 3 7.73 0.86 -3.96
C THR C 3 6.89 1.18 -5.20
N ALA C 4 7.18 2.32 -5.84
CA ALA C 4 6.52 2.67 -7.11
C ALA C 4 6.76 1.58 -8.18
N ALA C 5 7.95 0.99 -8.18
CA ALA C 5 8.30 -0.05 -9.14
C ALA C 5 7.43 -1.29 -8.98
N ALA C 6 7.26 -1.75 -7.73
CA ALA C 6 6.45 -2.93 -7.47
C ALA C 6 4.97 -2.66 -7.69
N LYS C 7 4.58 -1.40 -7.44
CA LYS C 7 3.22 -1.01 -7.68
C LYS C 7 2.93 -1.10 -9.18
N PHE C 8 3.87 -0.64 -10.01
CA PHE C 8 3.75 -0.81 -11.48
C PHE C 8 3.56 -2.27 -11.89
N GLU C 9 4.38 -3.17 -11.34
CA GLU C 9 4.23 -4.60 -11.63
C GLU C 9 2.87 -5.13 -11.19
N ARG C 10 2.42 -4.74 -10.00
CA ARG C 10 1.14 -5.20 -9.52
C ARG C 10 0.02 -4.72 -10.42
N GLN C 11 0.05 -3.45 -10.80
CA GLN C 11 -1.06 -2.86 -11.52
C GLN C 11 -1.05 -3.14 -13.05
N HIS C 12 0.14 -3.37 -13.63
CA HIS C 12 0.27 -3.33 -15.09
C HIS C 12 1.01 -4.48 -15.75
N MET C 13 1.58 -5.38 -14.98
CA MET C 13 2.30 -6.50 -15.58
C MET C 13 1.49 -7.80 -15.48
N ASP C 14 1.40 -8.49 -16.60
CA ASP C 14 0.93 -9.87 -16.57
C ASP C 14 1.76 -10.74 -17.53
N SER C 15 2.96 -11.11 -17.07
CA SER C 15 3.88 -11.88 -17.89
C SER C 15 3.51 -13.37 -18.06
N SER C 16 2.55 -13.88 -17.31
CA SER C 16 2.28 -15.31 -17.39
C SER C 16 1.27 -15.72 -18.46
N THR C 17 0.64 -14.76 -19.12
CA THR C 17 -0.23 -15.07 -20.25
C THR C 17 0.17 -14.21 -21.45
N SER C 18 -0.12 -14.69 -22.65
CA SER C 18 0.31 -14.03 -23.90
C SER C 18 -0.68 -12.97 -24.39
N ALA C 19 -1.90 -13.06 -23.87
CA ALA C 19 -2.99 -12.15 -24.16
C ALA C 19 -4.14 -12.55 -23.24
N ALA C 20 -5.22 -11.77 -23.23
CA ALA C 20 -6.39 -12.09 -22.40
C ALA C 20 -7.14 -13.31 -22.96
N SER C 21 -7.42 -14.30 -22.12
CA SER C 21 -8.05 -15.54 -22.60
C SER C 21 -9.58 -15.53 -22.75
N SER C 22 -10.26 -14.70 -21.97
CA SER C 22 -11.72 -14.63 -22.06
C SER C 22 -12.21 -13.22 -21.79
N SER C 23 -13.48 -12.97 -22.06
CA SER C 23 -14.08 -11.66 -21.78
C SER C 23 -14.14 -11.39 -20.28
N ASN C 24 -13.81 -12.40 -19.49
CA ASN C 24 -13.80 -12.23 -18.06
C ASN C 24 -12.43 -11.92 -17.46
N TYR C 25 -11.43 -11.83 -18.33
CA TYR C 25 -10.05 -11.55 -17.91
C TYR C 25 -9.94 -10.35 -16.98
N CYS C 26 -10.51 -9.22 -17.39
CA CYS C 26 -10.41 -7.98 -16.62
C CYS C 26 -11.14 -8.08 -15.27
N ASN C 27 -12.35 -8.63 -15.28
CA ASN C 27 -13.06 -8.84 -14.01
C ASN C 27 -12.21 -9.63 -13.02
N GLN C 28 -11.57 -10.70 -13.48
CA GLN C 28 -10.69 -11.46 -12.59
C GLN C 28 -9.44 -10.68 -12.18
N MET C 29 -8.74 -10.12 -13.17
CA MET C 29 -7.45 -9.49 -12.89
C MET C 29 -7.57 -8.21 -12.09
N MET C 30 -8.57 -7.39 -12.37
CA MET C 30 -8.77 -6.16 -11.58
C MET C 30 -8.99 -6.47 -10.10
N LYS C 31 -9.70 -7.56 -9.83
CA LYS C 31 -9.88 -7.95 -8.44
C LYS C 31 -8.60 -8.56 -7.83
N SER C 32 -7.94 -9.49 -8.52
CA SER C 32 -6.78 -10.16 -7.90
C SER C 32 -5.61 -9.21 -7.67
N ARG C 33 -5.51 -8.18 -8.51
CA ARG C 33 -4.42 -7.23 -8.34
C ARG C 33 -4.83 -6.09 -7.40
N ASN C 34 -5.97 -6.28 -6.71
CA ASN C 34 -6.41 -5.32 -5.70
C ASN C 34 -6.76 -3.94 -6.27
N LEU C 35 -7.24 -3.92 -7.50
CA LEU C 35 -7.57 -2.67 -8.17
C LEU C 35 -9.03 -2.31 -7.98
N THR C 36 -9.77 -3.14 -7.23
CA THR C 36 -11.16 -2.83 -6.91
C THR C 36 -11.39 -2.61 -5.40
N LYS C 37 -10.25 -2.36 -4.76
N LYS C 37 -10.37 -2.42 -4.57
CA LYS C 37 -10.15 -2.02 -3.36
CA LYS C 37 -10.58 -2.53 -3.08
C LYS C 37 -10.28 -0.52 -3.16
C LYS C 37 -11.59 -1.59 -2.33
N ASP C 38 -11.36 -0.29 -2.46
CA ASP C 38 -11.98 0.91 -1.89
C ASP C 38 -12.79 1.60 -2.96
N ARG C 39 -12.38 1.37 -4.20
CA ARG C 39 -13.01 1.99 -5.34
C ARG C 39 -12.73 1.18 -6.58
N CYS C 40 -13.57 1.33 -7.61
CA CYS C 40 -13.26 0.73 -8.90
C CYS C 40 -12.30 1.63 -9.68
N LYS C 41 -11.15 1.10 -10.09
CA LYS C 41 -10.26 1.85 -10.94
C LYS C 41 -10.89 1.92 -12.33
N PRO C 42 -11.14 3.13 -12.82
CA PRO C 42 -11.89 3.34 -14.07
C PRO C 42 -11.29 2.68 -15.30
N VAL C 43 -9.97 2.71 -15.42
CA VAL C 43 -9.30 2.11 -16.56
C VAL C 43 -7.94 1.56 -16.15
N ASN C 44 -7.49 0.49 -16.79
CA ASN C 44 -6.20 -0.09 -16.47
C ASN C 44 -5.67 -0.94 -17.62
N THR C 45 -4.37 -0.88 -17.87
CA THR C 45 -3.78 -1.64 -18.95
C THR C 45 -2.81 -2.67 -18.36
N PHE C 46 -2.94 -3.92 -18.78
CA PHE C 46 -2.00 -4.96 -18.42
C PHE C 46 -1.12 -5.33 -19.60
N VAL C 47 0.18 -5.48 -19.36
CA VAL C 47 1.12 -5.80 -20.41
C VAL C 47 1.52 -7.29 -20.41
N HIS C 48 1.31 -7.96 -21.55
CA HIS C 48 1.64 -9.38 -21.71
C HIS C 48 2.99 -9.59 -22.38
N GLU C 49 4.04 -9.14 -21.72
CA GLU C 49 5.40 -9.34 -22.17
C GLU C 49 6.22 -9.67 -20.94
N SER C 50 7.48 -10.08 -21.13
CA SER C 50 8.36 -10.38 -20.00
C SER C 50 8.67 -9.08 -19.26
N LEU C 51 8.97 -9.19 -17.97
CA LEU C 51 9.36 -8.03 -17.17
C LEU C 51 10.56 -7.33 -17.81
N ALA C 52 11.51 -8.13 -18.29
CA ALA C 52 12.73 -7.60 -18.88
C ALA C 52 12.43 -6.73 -20.09
N ASP C 53 11.50 -7.16 -20.94
CA ASP C 53 11.16 -6.38 -22.13
C ASP C 53 10.48 -5.09 -21.75
N VAL C 54 9.68 -5.11 -20.70
CA VAL C 54 9.01 -3.89 -20.26
C VAL C 54 9.99 -2.93 -19.57
N GLN C 55 10.85 -3.47 -18.71
CA GLN C 55 11.89 -2.65 -18.07
C GLN C 55 12.87 -2.06 -19.12
N ALA C 56 13.08 -2.76 -20.23
CA ALA C 56 13.97 -2.28 -21.29
C ALA C 56 13.44 -1.01 -21.96
N VAL C 57 12.12 -0.78 -21.85
CA VAL C 57 11.51 0.43 -22.41
C VAL C 57 12.11 1.70 -21.82
N CYS C 58 12.63 1.61 -20.60
CA CYS C 58 13.24 2.78 -19.95
C CYS C 58 14.46 3.29 -20.72
N SER C 59 14.96 2.52 -21.67
CA SER C 59 16.07 2.98 -22.48
C SER C 59 15.71 2.94 -23.97
N GLN C 60 14.45 3.17 -24.27
CA GLN C 60 14.02 3.26 -25.65
C GLN C 60 13.60 4.71 -25.98
N LYS C 61 12.50 4.91 -26.71
CA LYS C 61 12.20 6.26 -27.20
C LYS C 61 11.70 7.23 -26.13
N ASN C 62 12.49 8.28 -25.88
CA ASN C 62 12.16 9.29 -24.90
C ASN C 62 11.04 10.20 -25.39
N VAL C 63 10.02 10.37 -24.56
CA VAL C 63 8.91 11.25 -24.90
C VAL C 63 8.43 11.98 -23.66
N ALA C 64 7.61 12.99 -23.86
CA ALA C 64 7.05 13.69 -22.72
C ALA C 64 5.88 12.89 -22.14
N CYS C 65 5.85 12.77 -20.81
CA CYS C 65 4.69 12.23 -20.11
C CYS C 65 3.50 13.14 -20.36
N LYS C 66 2.28 12.61 -20.16
CA LYS C 66 1.08 13.43 -20.31
C LYS C 66 1.13 14.67 -19.41
N ASN C 67 1.78 14.56 -18.25
CA ASN C 67 1.81 15.67 -17.30
C ASN C 67 2.96 16.64 -17.51
N GLY C 68 3.71 16.44 -18.60
CA GLY C 68 4.75 17.38 -18.97
C GLY C 68 6.13 17.03 -18.48
N GLN C 69 6.22 16.03 -17.62
CA GLN C 69 7.53 15.56 -17.21
C GLN C 69 8.21 14.92 -18.41
N THR C 70 9.54 14.87 -18.37
CA THR C 70 10.33 14.44 -19.52
C THR C 70 10.84 13.01 -19.45
N ASN C 71 10.69 12.37 -18.28
CA ASN C 71 11.15 10.99 -18.10
C ASN C 71 10.14 9.90 -18.53
N CYS C 72 9.47 10.11 -19.65
CA CYS C 72 8.63 9.05 -20.22
C CYS C 72 9.27 8.39 -21.43
N TYR C 73 8.86 7.14 -21.70
CA TYR C 73 9.49 6.35 -22.75
C TYR C 73 8.47 5.50 -23.49
N GLN C 74 8.59 5.51 -24.81
CA GLN C 74 7.73 4.77 -25.69
C GLN C 74 8.48 3.57 -26.20
N SER C 75 7.84 2.39 -26.15
CA SER C 75 8.44 1.17 -26.69
C SER C 75 8.62 1.28 -28.20
N TYR C 76 9.79 0.85 -28.67
CA TYR C 76 10.10 0.80 -30.11
C TYR C 76 9.12 -0.12 -30.85
N SER C 77 8.88 -1.30 -30.28
CA SER C 77 7.95 -2.27 -30.88
C SER C 77 6.57 -2.19 -30.22
N THR C 78 5.58 -2.77 -30.88
CA THR C 78 4.28 -2.94 -30.27
C THR C 78 4.39 -4.06 -29.24
N MET C 79 3.47 -4.04 -28.28
CA MET C 79 3.41 -5.08 -27.27
C MET C 79 1.98 -5.58 -27.12
N SER C 80 1.85 -6.82 -26.69
CA SER C 80 0.55 -7.40 -26.39
C SER C 80 0.02 -6.83 -25.08
N ILE C 81 -1.10 -6.13 -25.16
CA ILE C 81 -1.72 -5.57 -23.97
C ILE C 81 -3.19 -5.91 -23.88
N THR C 82 -3.71 -5.80 -22.67
CA THR C 82 -5.13 -5.86 -22.46
C THR C 82 -5.58 -4.58 -21.79
N ASP C 83 -6.57 -3.96 -22.40
CA ASP C 83 -7.19 -2.78 -21.86
C ASP C 83 -8.45 -3.15 -21.03
N CYS C 84 -8.45 -2.76 -19.76
CA CYS C 84 -9.60 -2.95 -18.87
C CYS C 84 -10.29 -1.64 -18.59
N ARG C 85 -11.61 -1.63 -18.80
CA ARG C 85 -12.39 -0.41 -18.77
C ARG C 85 -13.73 -0.66 -18.07
N GLU C 86 -14.02 0.11 -17.03
CA GLU C 86 -15.29 -0.02 -16.31
C GLU C 86 -16.47 0.07 -17.26
N THR C 87 -17.45 -0.83 -17.09
CA THR C 87 -18.68 -0.73 -17.86
C THR C 87 -19.55 0.31 -17.17
N GLY C 88 -20.63 0.72 -17.81
CA GLY C 88 -21.54 1.66 -17.19
C GLY C 88 -22.35 1.08 -16.02
N SER C 89 -22.38 -0.24 -15.89
CA SER C 89 -23.16 -0.86 -14.81
C SER C 89 -22.28 -1.15 -13.61
N SER C 90 -20.98 -0.95 -13.79
CA SER C 90 -20.00 -1.09 -12.70
C SER C 90 -20.32 -0.14 -11.56
N LYS C 91 -20.43 -0.66 -10.35
CA LYS C 91 -20.68 0.21 -9.21
C LYS C 91 -20.10 -0.40 -7.93
N TYR C 92 -19.10 0.27 -7.35
CA TYR C 92 -18.44 -0.20 -6.13
C TYR C 92 -19.45 -0.53 -5.05
N PRO C 93 -19.32 -1.70 -4.40
CA PRO C 93 -18.24 -2.71 -4.51
C PRO C 93 -18.48 -3.80 -5.53
N ASN C 94 -19.39 -3.59 -6.48
CA ASN C 94 -19.58 -4.56 -7.55
C ASN C 94 -19.04 -4.01 -8.88
N CYS C 95 -17.72 -3.94 -8.99
CA CYS C 95 -17.06 -3.39 -10.16
C CYS C 95 -17.24 -4.35 -11.33
N ALA C 96 -17.20 -3.82 -12.55
CA ALA C 96 -17.34 -4.65 -13.75
C ALA C 96 -16.60 -4.01 -14.91
N TYR C 97 -15.96 -4.84 -15.73
CA TYR C 97 -15.03 -4.35 -16.73
C TYR C 97 -15.22 -4.97 -18.11
N LYS C 98 -15.04 -4.16 -19.14
CA LYS C 98 -14.87 -4.68 -20.49
C LYS C 98 -13.40 -4.99 -20.78
N THR C 99 -13.16 -6.16 -21.36
CA THR C 99 -11.85 -6.62 -21.76
C THR C 99 -11.62 -6.39 -23.24
N THR C 100 -10.55 -5.67 -23.59
CA THR C 100 -10.14 -5.48 -24.97
C THR C 100 -8.68 -5.82 -25.18
N GLN C 101 -8.43 -6.83 -26.00
CA GLN C 101 -7.07 -7.26 -26.28
C GLN C 101 -6.50 -6.44 -27.43
N ALA C 102 -5.23 -6.05 -27.35
CA ALA C 102 -4.65 -5.26 -28.44
C ALA C 102 -3.13 -5.38 -28.51
N ASN C 103 -2.56 -4.82 -29.58
CA ASN C 103 -1.13 -4.74 -29.80
C ASN C 103 -0.75 -3.29 -30.07
N LYS C 104 -0.09 -2.66 -29.09
CA LYS C 104 0.26 -1.25 -29.17
C LYS C 104 1.62 -0.96 -28.53
N HIS C 105 2.18 0.19 -28.86
CA HIS C 105 3.35 0.70 -28.19
C HIS C 105 2.91 1.19 -26.83
N ILE C 106 3.71 0.97 -25.81
CA ILE C 106 3.37 1.50 -24.49
C ILE C 106 4.25 2.70 -24.15
N ILE C 107 3.74 3.56 -23.27
CA ILE C 107 4.52 4.68 -22.78
C ILE C 107 4.52 4.65 -21.26
N VAL C 108 5.72 4.59 -20.68
CA VAL C 108 5.86 4.52 -19.23
C VAL C 108 6.82 5.58 -18.74
N ALA C 109 6.64 6.01 -17.50
CA ALA C 109 7.61 6.88 -16.85
C ALA C 109 8.58 6.02 -16.08
N CYS C 110 9.87 6.37 -16.15
CA CYS C 110 10.90 5.62 -15.42
C CYS C 110 11.60 6.52 -14.40
N GLU C 111 12.04 5.93 -13.32
CA GLU C 111 12.54 6.68 -12.17
C GLU C 111 13.34 5.75 -11.25
N GLY C 112 14.26 6.30 -10.48
CA GLY C 112 14.91 5.53 -9.44
C GLY C 112 16.24 4.87 -9.77
N ASN C 113 16.73 4.10 -8.80
CA ASN C 113 17.91 3.28 -8.97
C ASN C 113 17.64 1.89 -8.38
N PRO C 114 17.50 0.88 -9.25
CA PRO C 114 17.64 0.98 -10.71
C PRO C 114 16.50 1.77 -11.38
N TYR C 115 16.75 2.19 -12.62
CA TYR C 115 15.88 3.04 -13.41
C TYR C 115 14.86 2.15 -14.13
N VAL C 116 13.67 2.05 -13.53
CA VAL C 116 12.66 1.08 -13.89
C VAL C 116 11.31 1.81 -14.05
N PRO C 117 10.33 1.18 -14.73
CA PRO C 117 9.05 1.87 -14.92
C PRO C 117 8.34 2.02 -13.57
N VAL C 118 7.78 3.20 -13.33
CA VAL C 118 7.07 3.51 -12.11
C VAL C 118 5.65 4.02 -12.37
N HIS C 119 5.25 4.10 -13.64
CA HIS C 119 3.95 4.63 -14.01
C HIS C 119 3.56 4.29 -15.45
N PHE C 120 2.33 3.81 -15.63
CA PHE C 120 1.83 3.59 -17.01
C PHE C 120 1.12 4.82 -17.53
N ASP C 121 1.70 5.43 -18.56
CA ASP C 121 1.20 6.71 -19.06
C ASP C 121 0.21 6.58 -20.21
N ALA C 122 0.46 5.65 -21.14
CA ALA C 122 -0.39 5.49 -22.33
C ALA C 122 -0.01 4.31 -23.18
N SER C 123 -0.91 3.98 -24.11
CA SER C 123 -0.56 3.12 -25.24
C SER C 123 -0.92 3.85 -26.54
N VAL C 124 -0.14 3.61 -27.60
CA VAL C 124 -0.38 4.29 -28.88
C VAL C 124 -0.27 3.34 -30.05
N MET D 1 -17.84 -16.06 13.87
CA MET D 1 -19.07 -15.87 13.11
C MET D 1 -18.79 -15.83 11.60
N LYS D 2 -17.83 -15.00 11.20
CA LYS D 2 -17.56 -14.78 9.79
C LYS D 2 -16.12 -15.05 9.36
N LEU D 3 -15.97 -15.92 8.36
CA LEU D 3 -14.69 -16.17 7.71
C LEU D 3 -14.72 -15.59 6.29
N ASP D 4 -13.81 -14.66 6.02
CA ASP D 4 -13.81 -13.92 4.76
C ASP D 4 -12.40 -13.78 4.20
N ILE D 5 -12.08 -14.58 3.18
CA ILE D 5 -10.77 -14.55 2.55
C ILE D 5 -10.87 -14.26 1.06
N GLN D 6 -10.08 -13.28 0.59
CA GLN D 6 -10.08 -12.88 -0.81
C GLN D 6 -8.69 -12.96 -1.39
N CYS D 7 -8.56 -13.64 -2.52
CA CYS D 7 -7.28 -13.64 -3.23
C CYS D 7 -6.09 -14.13 -2.36
N GLU D 8 -6.24 -15.31 -1.76
CA GLU D 8 -5.18 -15.95 -0.97
C GLU D 8 -5.11 -17.36 -1.49
N GLN D 9 -4.00 -17.72 -2.13
CA GLN D 9 -3.87 -19.09 -2.60
C GLN D 9 -3.52 -19.93 -1.40
N LEU D 10 -4.47 -20.74 -0.94
CA LEU D 10 -4.30 -21.40 0.35
C LEU D 10 -3.48 -22.68 0.27
N SER D 11 -2.48 -22.79 1.14
CA SER D 11 -1.66 -23.98 1.25
C SER D 11 -2.45 -25.03 1.99
N ASP D 12 -1.96 -26.27 1.95
CA ASP D 12 -2.62 -27.36 2.65
C ASP D 12 -2.63 -27.05 4.14
N ALA D 13 -1.53 -26.46 4.62
CA ALA D 13 -1.46 -26.05 6.02
C ALA D 13 -2.57 -25.05 6.36
N ARG D 14 -2.76 -24.04 5.51
CA ARG D 14 -3.81 -23.05 5.75
C ARG D 14 -5.17 -23.70 5.68
N TRP D 15 -5.33 -24.61 4.72
CA TRP D 15 -6.59 -25.31 4.55
C TRP D 15 -6.97 -26.07 5.82
N THR D 16 -6.00 -26.79 6.38
CA THR D 16 -6.19 -27.53 7.62
C THR D 16 -6.60 -26.60 8.75
N GLU D 17 -6.02 -25.40 8.81
CA GLU D 17 -6.39 -24.46 9.85
C GLU D 17 -7.80 -23.86 9.68
N LEU D 18 -8.23 -23.72 8.43
CA LEU D 18 -9.52 -23.11 8.13
C LEU D 18 -10.73 -24.06 8.23
N LEU D 19 -10.53 -25.34 7.91
CA LEU D 19 -11.64 -26.30 7.91
C LEU D 19 -12.56 -26.29 9.13
N PRO D 20 -11.98 -26.30 10.35
CA PRO D 20 -12.91 -26.26 11.50
C PRO D 20 -13.75 -24.99 11.53
N LEU D 21 -13.23 -23.91 10.95
CA LEU D 21 -13.95 -22.65 10.90
C LEU D 21 -15.06 -22.74 9.86
N ILE D 22 -14.74 -23.39 8.75
CA ILE D 22 -15.72 -23.65 7.71
C ILE D 22 -16.85 -24.53 8.22
N GLN D 23 -16.51 -25.41 9.17
CA GLN D 23 -17.47 -26.36 9.77
C GLN D 23 -18.50 -25.72 10.70
N GLN D 24 -18.22 -24.54 11.19
CA GLN D 24 -19.10 -23.98 12.20
C GLN D 24 -19.44 -22.50 12.08
N TYR D 25 -18.78 -21.78 11.19
CA TYR D 25 -19.01 -20.34 11.04
C TYR D 25 -20.33 -20.03 10.32
N GLU D 26 -20.86 -18.83 10.54
CA GLU D 26 -22.12 -18.43 9.93
C GLU D 26 -21.95 -17.94 8.50
N VAL D 27 -20.86 -17.23 8.24
CA VAL D 27 -20.58 -16.70 6.92
C VAL D 27 -19.24 -17.22 6.46
N VAL D 28 -19.22 -17.91 5.31
CA VAL D 28 -17.97 -18.39 4.73
C VAL D 28 -17.78 -17.84 3.33
N ARG D 29 -16.71 -17.07 3.16
CA ARG D 29 -16.36 -16.53 1.85
C ARG D 29 -14.93 -16.91 1.55
N LEU D 30 -14.76 -17.67 0.48
CA LEU D 30 -13.44 -18.11 0.04
C LEU D 30 -13.36 -17.80 -1.44
N ASP D 31 -13.14 -16.53 -1.75
CA ASP D 31 -13.19 -16.06 -3.13
C ASP D 31 -11.77 -15.99 -3.70
N ASP D 32 -11.56 -16.67 -4.81
CA ASP D 32 -10.26 -16.69 -5.47
C ASP D 32 -9.18 -17.21 -4.52
N CYS D 33 -9.41 -18.40 -3.99
CA CYS D 33 -8.51 -19.00 -3.01
C CYS D 33 -7.82 -20.27 -3.50
N GLY D 34 -7.83 -20.48 -4.81
CA GLY D 34 -7.18 -21.65 -5.39
C GLY D 34 -7.87 -22.96 -5.06
N LEU D 35 -9.14 -22.91 -4.71
CA LEU D 35 -9.87 -24.14 -4.45
C LEU D 35 -10.05 -24.94 -5.73
N THR D 36 -9.88 -26.25 -5.64
CA THR D 36 -10.16 -27.15 -6.75
C THR D 36 -11.04 -28.30 -6.28
N GLU D 37 -11.31 -29.23 -7.20
CA GLU D 37 -12.20 -30.33 -6.89
C GLU D 37 -11.73 -31.17 -5.71
N VAL D 38 -10.41 -31.38 -5.63
CA VAL D 38 -9.79 -32.10 -4.51
C VAL D 38 -10.27 -31.59 -3.15
N ARG D 39 -10.27 -30.28 -2.97
CA ARG D 39 -10.70 -29.72 -1.68
C ARG D 39 -12.22 -29.72 -1.46
N CYS D 40 -12.99 -30.05 -2.49
CA CYS D 40 -14.45 -29.94 -2.38
C CYS D 40 -15.10 -31.04 -1.55
N LYS D 41 -14.45 -32.19 -1.50
CA LYS D 41 -14.83 -33.26 -0.56
C LYS D 41 -14.88 -32.69 0.84
N ASP D 42 -13.78 -32.09 1.28
CA ASP D 42 -13.73 -31.46 2.59
C ASP D 42 -14.80 -30.40 2.76
N ILE D 43 -15.06 -29.63 1.72
CA ILE D 43 -16.01 -28.54 1.88
C ILE D 43 -17.40 -29.13 2.11
N GLY D 44 -17.76 -30.10 1.30
CA GLY D 44 -19.04 -30.78 1.45
C GLY D 44 -19.26 -31.29 2.86
N SER D 45 -18.27 -31.98 3.41
CA SER D 45 -18.38 -32.53 4.76
C SER D 45 -18.57 -31.45 5.80
N ALA D 46 -17.85 -30.35 5.61
CA ALA D 46 -17.95 -29.26 6.54
C ALA D 46 -19.37 -28.68 6.49
N LEU D 47 -19.89 -28.51 5.27
CA LEU D 47 -21.22 -27.93 5.11
C LEU D 47 -22.28 -28.83 5.71
N GLN D 48 -22.06 -30.14 5.61
CA GLN D 48 -22.92 -31.14 6.24
C GLN D 48 -23.16 -30.88 7.71
N ALA D 49 -22.10 -30.45 8.39
CA ALA D 49 -22.13 -30.35 9.83
C ALA D 49 -22.41 -28.92 10.29
N ASN D 50 -22.25 -27.96 9.39
CA ASN D 50 -22.44 -26.57 9.79
C ASN D 50 -23.94 -26.23 9.86
N ALA D 51 -24.40 -26.01 11.08
CA ALA D 51 -25.80 -25.71 11.34
C ALA D 51 -25.99 -24.23 11.56
N SER D 52 -24.89 -23.48 11.60
CA SER D 52 -24.95 -22.02 11.73
C SER D 52 -24.94 -21.28 10.38
N LEU D 53 -24.39 -21.92 9.34
CA LEU D 53 -24.10 -21.23 8.08
C LEU D 53 -25.32 -20.64 7.37
N THR D 54 -25.27 -19.35 7.06
CA THR D 54 -26.32 -18.76 6.23
C THR D 54 -25.81 -18.20 4.89
N GLU D 55 -24.51 -17.95 4.77
CA GLU D 55 -23.94 -17.46 3.51
C GLU D 55 -22.69 -18.21 3.13
N LEU D 56 -22.65 -18.70 1.89
CA LEU D 56 -21.46 -19.32 1.32
C LEU D 56 -21.08 -18.66 -0.01
N SER D 57 -19.83 -18.27 -0.14
CA SER D 57 -19.34 -17.75 -1.40
C SER D 57 -18.02 -18.45 -1.75
N LEU D 58 -17.95 -18.96 -2.97
CA LEU D 58 -16.74 -19.64 -3.44
C LEU D 58 -16.39 -19.14 -4.81
N ARG D 59 -16.60 -17.85 -5.05
CA ARG D 59 -16.40 -17.32 -6.39
C ARG D 59 -14.95 -17.34 -6.86
N THR D 60 -14.78 -17.54 -8.17
CA THR D 60 -13.47 -17.55 -8.82
C THR D 60 -12.56 -18.65 -8.27
N ASN D 61 -13.03 -19.88 -8.38
CA ASN D 61 -12.26 -21.07 -8.03
C ASN D 61 -12.57 -22.15 -9.06
N GLU D 62 -11.56 -22.89 -9.49
CA GLU D 62 -11.78 -23.93 -10.48
C GLU D 62 -12.39 -25.19 -9.89
N LEU D 63 -13.61 -25.09 -9.42
CA LEU D 63 -14.27 -26.23 -8.82
C LEU D 63 -14.60 -27.30 -9.86
N GLY D 64 -15.11 -26.84 -11.00
CA GLY D 64 -15.58 -27.72 -12.05
C GLY D 64 -16.89 -28.36 -11.65
N ASP D 65 -17.44 -29.14 -12.57
CA ASP D 65 -18.70 -29.83 -12.35
C ASP D 65 -18.70 -30.77 -11.14
N GLY D 66 -17.64 -31.56 -11.00
CA GLY D 66 -17.48 -32.48 -9.89
C GLY D 66 -17.26 -31.78 -8.57
N GLY D 67 -16.48 -30.71 -8.58
CA GLY D 67 -16.27 -29.89 -7.41
C GLY D 67 -17.57 -29.26 -6.89
N VAL D 68 -18.34 -28.68 -7.79
CA VAL D 68 -19.62 -28.09 -7.43
C VAL D 68 -20.56 -29.18 -6.89
N LEU D 69 -20.51 -30.35 -7.52
CA LEU D 69 -21.36 -31.46 -7.09
C LEU D 69 -21.20 -31.73 -5.60
N LEU D 70 -19.96 -31.87 -5.15
CA LEU D 70 -19.66 -32.15 -3.75
C LEU D 70 -20.08 -31.03 -2.79
N VAL D 71 -19.94 -29.78 -3.23
CA VAL D 71 -20.43 -28.64 -2.47
C VAL D 71 -21.98 -28.67 -2.39
N LEU D 72 -22.64 -28.86 -3.54
CA LEU D 72 -24.10 -28.86 -3.54
C LEU D 72 -24.70 -30.00 -2.70
N GLN D 73 -24.06 -31.16 -2.72
CA GLN D 73 -24.43 -32.27 -1.85
C GLN D 73 -24.27 -31.92 -0.38
N GLY D 74 -23.17 -31.28 -0.03
CA GLY D 74 -22.91 -30.90 1.34
C GLY D 74 -24.03 -30.04 1.91
N LEU D 75 -24.71 -29.31 1.03
CA LEU D 75 -25.75 -28.41 1.46
C LEU D 75 -27.04 -29.21 1.67
N GLN D 76 -27.21 -30.30 0.93
CA GLN D 76 -28.35 -31.16 1.20
C GLN D 76 -28.14 -31.85 2.55
N SER D 77 -28.65 -31.21 3.58
CA SER D 77 -28.53 -31.70 4.93
C SER D 77 -29.62 -30.91 5.62
N PRO D 78 -30.39 -31.59 6.46
CA PRO D 78 -31.54 -30.92 7.07
C PRO D 78 -31.09 -29.93 8.14
N THR D 79 -29.79 -29.96 8.45
CA THR D 79 -29.20 -28.96 9.34
C THR D 79 -28.83 -27.69 8.57
N CYS D 80 -28.71 -27.80 7.25
CA CYS D 80 -28.33 -26.66 6.44
C CYS D 80 -29.44 -25.64 6.36
N LYS D 81 -29.14 -24.42 6.76
CA LYS D 81 -30.08 -23.33 6.63
C LYS D 81 -29.55 -22.17 5.78
N ILE D 82 -28.79 -22.50 4.74
CA ILE D 82 -28.18 -21.50 3.87
C ILE D 82 -29.22 -20.55 3.21
N GLN D 83 -28.92 -19.27 3.22
CA GLN D 83 -29.74 -18.25 2.59
C GLN D 83 -29.11 -17.67 1.31
N LYS D 84 -27.79 -17.55 1.31
CA LYS D 84 -27.07 -16.95 0.19
C LYS D 84 -25.99 -17.88 -0.33
N LEU D 85 -26.02 -18.13 -1.63
CA LEU D 85 -25.05 -19.02 -2.23
C LEU D 85 -24.46 -18.38 -3.49
N SER D 86 -23.14 -18.27 -3.52
CA SER D 86 -22.51 -17.79 -4.74
C SER D 86 -21.46 -18.75 -5.23
N LEU D 87 -21.60 -19.16 -6.49
CA LEU D 87 -20.66 -20.05 -7.11
C LEU D 87 -20.25 -19.40 -8.41
N GLN D 88 -20.19 -18.08 -8.36
CA GLN D 88 -19.82 -17.28 -9.51
C GLN D 88 -18.44 -17.71 -10.01
N ASN D 89 -18.34 -17.98 -11.31
CA ASN D 89 -17.05 -18.26 -11.95
C ASN D 89 -16.38 -19.48 -11.33
N CYS D 90 -17.05 -20.63 -11.40
CA CYS D 90 -16.57 -21.85 -10.75
C CYS D 90 -16.44 -23.02 -11.74
N CYS D 91 -16.46 -22.68 -13.03
CA CYS D 91 -16.33 -23.62 -14.14
C CYS D 91 -17.47 -24.65 -14.14
N LEU D 92 -18.67 -24.19 -13.82
CA LEU D 92 -19.83 -25.07 -13.82
C LEU D 92 -20.45 -25.06 -15.23
N THR D 93 -20.55 -26.25 -15.82
CA THR D 93 -21.10 -26.43 -17.16
C THR D 93 -22.46 -27.07 -17.07
N GLU D 94 -23.10 -27.29 -18.23
CA GLU D 94 -24.41 -27.92 -18.24
C GLU D 94 -24.36 -29.32 -17.62
N ALA D 95 -23.22 -29.99 -17.76
CA ALA D 95 -23.05 -31.33 -17.20
C ALA D 95 -23.11 -31.35 -15.68
N GLY D 96 -22.85 -30.20 -15.05
CA GLY D 96 -22.94 -30.12 -13.59
C GLY D 96 -24.30 -29.64 -13.09
N CYS D 97 -25.21 -29.32 -14.00
CA CYS D 97 -26.51 -28.77 -13.61
C CYS D 97 -27.60 -29.83 -13.43
N GLY D 98 -27.27 -31.09 -13.73
CA GLY D 98 -28.24 -32.18 -13.62
C GLY D 98 -28.87 -32.28 -12.26
N VAL D 99 -28.09 -31.97 -11.23
CA VAL D 99 -28.55 -32.10 -9.85
C VAL D 99 -29.33 -30.89 -9.35
N LEU D 100 -29.31 -29.80 -10.09
CA LEU D 100 -29.94 -28.57 -9.62
C LEU D 100 -31.41 -28.70 -9.13
N PRO D 101 -32.29 -29.39 -9.90
CA PRO D 101 -33.67 -29.54 -9.43
C PRO D 101 -33.75 -30.20 -8.05
N GLY D 102 -32.99 -31.27 -7.87
CA GLY D 102 -32.97 -31.97 -6.60
C GLY D 102 -32.42 -31.11 -5.51
N VAL D 103 -31.36 -30.37 -5.81
CA VAL D 103 -30.76 -29.50 -4.80
C VAL D 103 -31.68 -28.35 -4.40
N LEU D 104 -32.27 -27.66 -5.36
CA LEU D 104 -33.15 -26.53 -5.03
C LEU D 104 -34.41 -26.95 -4.24
N ARG D 105 -34.91 -28.15 -4.47
CA ARG D 105 -36.06 -28.60 -3.68
C ARG D 105 -35.64 -28.93 -2.24
N SER D 106 -34.35 -29.14 -2.02
CA SER D 106 -33.80 -29.45 -0.69
C SER D 106 -33.46 -28.21 0.15
N LEU D 107 -33.53 -27.03 -0.46
CA LEU D 107 -33.04 -25.82 0.22
C LEU D 107 -34.14 -24.78 0.34
N PRO D 108 -35.14 -25.03 1.20
CA PRO D 108 -36.21 -24.03 1.29
C PRO D 108 -35.75 -22.71 1.93
N THR D 109 -34.62 -22.72 2.61
CA THR D 109 -34.13 -21.48 3.20
C THR D 109 -33.42 -20.59 2.17
N LEU D 110 -33.12 -21.14 0.99
CA LEU D 110 -32.31 -20.41 0.00
C LEU D 110 -33.03 -19.16 -0.50
N ARG D 111 -32.37 -18.03 -0.38
CA ARG D 111 -32.95 -16.77 -0.84
C ARG D 111 -32.26 -16.18 -2.06
N GLU D 112 -30.93 -16.32 -2.12
CA GLU D 112 -30.14 -15.66 -3.16
C GLU D 112 -29.15 -16.62 -3.79
N LEU D 113 -29.07 -16.57 -5.12
CA LEU D 113 -28.24 -17.50 -5.87
C LEU D 113 -27.50 -16.79 -6.98
N HIS D 114 -26.16 -16.82 -6.92
CA HIS D 114 -25.34 -16.24 -7.97
C HIS D 114 -24.60 -17.34 -8.73
N LEU D 115 -24.92 -17.48 -10.01
CA LEU D 115 -24.24 -18.47 -10.85
C LEU D 115 -23.55 -17.82 -12.05
N SER D 116 -23.40 -16.50 -12.01
CA SER D 116 -22.75 -15.77 -13.08
C SER D 116 -21.35 -16.27 -13.43
N ASP D 117 -20.98 -16.12 -14.69
CA ASP D 117 -19.63 -16.46 -15.20
C ASP D 117 -19.37 -17.96 -15.16
N ASN D 118 -20.42 -18.72 -15.37
CA ASN D 118 -20.32 -20.16 -15.58
C ASN D 118 -21.02 -20.46 -16.89
N PRO D 119 -20.41 -21.32 -17.71
CA PRO D 119 -21.04 -21.61 -18.99
C PRO D 119 -22.16 -22.67 -18.85
N LEU D 120 -23.24 -22.29 -18.19
CA LEU D 120 -24.41 -23.16 -18.01
C LEU D 120 -25.00 -23.52 -19.37
N GLY D 121 -25.03 -22.53 -20.25
CA GLY D 121 -25.75 -22.71 -21.51
C GLY D 121 -27.23 -22.83 -21.27
N ASP D 122 -27.98 -22.83 -22.37
CA ASP D 122 -29.43 -22.95 -22.36
C ASP D 122 -29.88 -24.24 -21.68
N ALA D 123 -29.14 -25.32 -21.89
CA ALA D 123 -29.51 -26.61 -21.32
C ALA D 123 -29.32 -26.64 -19.81
N GLY D 124 -28.20 -26.07 -19.33
CA GLY D 124 -27.96 -25.94 -17.90
C GLY D 124 -29.03 -25.07 -17.25
N LEU D 125 -29.37 -24.00 -17.95
CA LEU D 125 -30.40 -23.05 -17.49
C LEU D 125 -31.75 -23.76 -17.35
N ARG D 126 -32.08 -24.60 -18.33
CA ARG D 126 -33.35 -25.32 -18.29
C ARG D 126 -33.49 -26.12 -17.00
N LEU D 127 -32.43 -26.85 -16.68
CA LEU D 127 -32.34 -27.62 -15.46
C LEU D 127 -32.50 -26.74 -14.22
N LEU D 128 -31.78 -25.64 -14.18
CA LEU D 128 -31.92 -24.69 -13.08
C LEU D 128 -33.39 -24.29 -12.92
N CYS D 129 -34.05 -23.99 -14.03
CA CYS D 129 -35.45 -23.56 -13.98
C CYS D 129 -36.41 -24.63 -13.46
N GLU D 130 -36.08 -25.90 -13.69
CA GLU D 130 -36.89 -26.98 -13.14
C GLU D 130 -36.84 -26.93 -11.65
N GLY D 131 -35.65 -26.62 -11.12
CA GLY D 131 -35.50 -26.47 -9.70
C GLY D 131 -36.30 -25.30 -9.19
N LEU D 132 -36.29 -24.21 -9.95
CA LEU D 132 -36.95 -22.99 -9.48
C LEU D 132 -38.46 -23.17 -9.50
N LEU D 133 -38.96 -24.10 -10.29
CA LEU D 133 -40.38 -24.42 -10.37
C LEU D 133 -40.88 -25.22 -9.17
N ASP D 134 -39.97 -25.87 -8.43
CA ASP D 134 -40.35 -26.73 -7.31
C ASP D 134 -41.06 -25.88 -6.24
N PRO D 135 -42.17 -26.43 -5.68
CA PRO D 135 -42.94 -25.75 -4.63
C PRO D 135 -42.14 -25.39 -3.38
N ARG D 136 -41.06 -26.09 -3.11
CA ARG D 136 -40.24 -25.73 -1.96
C ARG D 136 -39.23 -24.63 -2.23
N CYS D 137 -39.05 -24.27 -3.51
CA CYS D 137 -38.14 -23.19 -3.86
C CYS D 137 -38.80 -21.84 -3.74
N ARG D 138 -38.31 -21.00 -2.84
CA ARG D 138 -38.79 -19.63 -2.77
C ARG D 138 -37.67 -18.62 -3.09
N LEU D 139 -36.86 -18.91 -4.11
CA LEU D 139 -35.76 -18.00 -4.44
C LEU D 139 -36.22 -16.56 -4.61
N GLU D 140 -35.48 -15.63 -4.00
CA GLU D 140 -35.79 -14.21 -4.12
C GLU D 140 -34.88 -13.47 -5.11
N LYS D 141 -33.60 -13.86 -5.18
CA LYS D 141 -32.65 -13.16 -6.05
C LYS D 141 -31.83 -14.11 -6.90
N LEU D 142 -31.79 -13.82 -8.20
CA LEU D 142 -31.12 -14.70 -9.15
C LEU D 142 -30.20 -13.91 -10.09
N GLN D 143 -28.92 -14.30 -10.14
CA GLN D 143 -27.96 -13.63 -11.00
C GLN D 143 -27.32 -14.63 -11.94
N LEU D 144 -27.43 -14.34 -13.24
CA LEU D 144 -26.97 -15.26 -14.30
C LEU D 144 -26.23 -14.52 -15.39
N GLU D 145 -25.41 -13.53 -15.04
CA GLU D 145 -24.59 -12.83 -16.04
C GLU D 145 -23.58 -13.75 -16.66
N TYR D 146 -23.32 -13.54 -17.95
CA TYR D 146 -22.30 -14.29 -18.69
C TYR D 146 -22.46 -15.77 -18.49
N CYS D 147 -23.68 -16.29 -18.71
CA CYS D 147 -23.91 -17.71 -18.55
C CYS D 147 -24.06 -18.44 -19.89
N SER D 148 -23.69 -17.77 -20.98
CA SER D 148 -23.78 -18.36 -22.32
C SER D 148 -25.22 -18.71 -22.70
N LEU D 149 -26.16 -17.88 -22.26
CA LEU D 149 -27.58 -18.11 -22.50
C LEU D 149 -27.92 -17.50 -23.85
N THR D 150 -28.82 -18.15 -24.59
CA THR D 150 -29.40 -17.54 -25.80
C THR D 150 -30.91 -17.37 -25.60
N ALA D 151 -31.59 -16.93 -26.66
CA ALA D 151 -33.03 -16.74 -26.61
C ALA D 151 -33.77 -17.99 -26.11
N ALA D 152 -33.19 -19.17 -26.34
CA ALA D 152 -33.83 -20.41 -25.91
C ALA D 152 -34.02 -20.50 -24.40
N SER D 153 -33.12 -19.86 -23.65
CA SER D 153 -33.23 -19.83 -22.18
C SER D 153 -34.43 -19.03 -21.67
N CYS D 154 -34.99 -18.18 -22.53
CA CYS D 154 -36.00 -17.24 -22.09
C CYS D 154 -37.40 -17.81 -21.92
N GLU D 155 -37.75 -18.87 -22.65
CA GLU D 155 -39.02 -19.56 -22.38
C GLU D 155 -39.01 -20.27 -21.03
N PRO D 156 -37.96 -21.05 -20.74
CA PRO D 156 -37.93 -21.65 -19.39
C PRO D 156 -37.94 -20.59 -18.28
N LEU D 157 -37.26 -19.47 -18.46
CA LEU D 157 -37.29 -18.43 -17.44
C LEU D 157 -38.68 -17.78 -17.35
N ALA D 158 -39.33 -17.65 -18.50
CA ALA D 158 -40.69 -17.14 -18.57
C ALA D 158 -41.64 -18.07 -17.80
N ALA D 159 -41.42 -19.37 -17.91
CA ALA D 159 -42.26 -20.31 -17.15
C ALA D 159 -42.06 -20.09 -15.66
N VAL D 160 -40.80 -19.93 -15.24
CA VAL D 160 -40.52 -19.63 -13.83
C VAL D 160 -41.24 -18.36 -13.38
N LEU D 161 -41.14 -17.30 -14.18
CA LEU D 161 -41.78 -16.03 -13.85
C LEU D 161 -43.30 -16.19 -13.71
N ARG D 162 -43.90 -16.99 -14.57
CA ARG D 162 -45.33 -17.26 -14.49
C ARG D 162 -45.77 -17.85 -13.13
N ALA D 163 -45.00 -18.79 -12.60
CA ALA D 163 -45.40 -19.51 -11.37
C ALA D 163 -44.92 -18.84 -10.08
N THR D 164 -43.77 -18.21 -10.13
CA THR D 164 -43.17 -17.66 -8.94
C THR D 164 -43.96 -16.49 -8.40
N ARG D 165 -43.92 -16.35 -7.08
CA ARG D 165 -44.41 -15.16 -6.40
C ARG D 165 -43.28 -14.52 -5.58
N ASP D 166 -42.13 -15.17 -5.52
CA ASP D 166 -41.07 -14.70 -4.61
C ASP D 166 -39.90 -13.93 -5.24
N LEU D 167 -39.70 -14.11 -6.55
CA LEU D 167 -38.58 -13.46 -7.23
C LEU D 167 -38.66 -11.96 -7.14
N LYS D 168 -37.56 -11.35 -6.70
CA LYS D 168 -37.48 -9.90 -6.54
C LYS D 168 -36.42 -9.27 -7.45
N GLU D 169 -35.39 -10.04 -7.75
CA GLU D 169 -34.28 -9.60 -8.57
C GLU D 169 -33.94 -10.62 -9.64
N LEU D 170 -33.95 -10.19 -10.89
CA LEU D 170 -33.50 -11.03 -11.98
C LEU D 170 -32.44 -10.27 -12.77
N VAL D 171 -31.26 -10.86 -12.84
CA VAL D 171 -30.15 -10.29 -13.59
C VAL D 171 -29.65 -11.26 -14.65
N VAL D 172 -29.91 -10.95 -15.91
CA VAL D 172 -29.46 -11.79 -17.04
C VAL D 172 -28.56 -11.00 -18.00
N SER D 173 -27.98 -9.91 -17.49
CA SER D 173 -27.06 -9.08 -18.26
C SER D 173 -25.95 -9.93 -18.89
N ASN D 174 -25.44 -9.47 -20.03
CA ASN D 174 -24.33 -10.11 -20.74
C ASN D 174 -24.65 -11.54 -21.18
N ASN D 175 -25.86 -11.72 -21.70
CA ASN D 175 -26.21 -12.93 -22.44
C ASN D 175 -26.86 -12.50 -23.74
N ASP D 176 -26.53 -13.19 -24.81
CA ASP D 176 -27.05 -12.82 -26.12
C ASP D 176 -28.41 -13.47 -26.34
N ILE D 177 -29.39 -13.01 -25.57
CA ILE D 177 -30.73 -13.54 -25.64
C ILE D 177 -31.51 -12.82 -26.74
N GLY D 178 -31.05 -11.63 -27.09
CA GLY D 178 -31.61 -10.83 -28.15
C GLY D 178 -33.10 -10.56 -28.07
N GLU D 179 -33.66 -10.11 -29.19
CA GLU D 179 -35.02 -9.59 -29.26
C GLU D 179 -36.10 -10.60 -28.91
N ALA D 180 -36.01 -11.79 -29.49
CA ALA D 180 -37.01 -12.83 -29.24
C ALA D 180 -36.96 -13.29 -27.79
N GLY D 181 -35.75 -13.41 -27.24
CA GLY D 181 -35.55 -13.76 -25.84
C GLY D 181 -36.16 -12.74 -24.87
N VAL D 182 -35.88 -11.47 -25.10
CA VAL D 182 -36.43 -10.40 -24.28
C VAL D 182 -37.96 -10.35 -24.34
N GLN D 183 -38.49 -10.54 -25.54
CA GLN D 183 -39.93 -10.57 -25.73
C GLN D 183 -40.56 -11.71 -24.91
N ALA D 184 -39.94 -12.89 -24.93
CA ALA D 184 -40.41 -14.01 -24.15
C ALA D 184 -40.34 -13.72 -22.65
N LEU D 185 -39.28 -13.03 -22.22
CA LEU D 185 -39.18 -12.67 -20.80
C LEU D 185 -40.33 -11.74 -20.44
N CYS D 186 -40.65 -10.81 -21.34
CA CYS D 186 -41.71 -9.85 -21.09
C CYS D 186 -43.08 -10.48 -21.01
N ARG D 187 -43.31 -11.53 -21.80
CA ARG D 187 -44.57 -12.25 -21.74
C ARG D 187 -44.71 -12.93 -20.39
N GLY D 188 -43.62 -13.54 -19.93
CA GLY D 188 -43.58 -14.14 -18.61
C GLY D 188 -43.90 -13.13 -17.51
N LEU D 189 -43.19 -12.01 -17.54
CA LEU D 189 -43.43 -10.95 -16.58
C LEU D 189 -44.87 -10.44 -16.61
N ALA D 190 -45.45 -10.37 -17.80
CA ALA D 190 -46.80 -9.84 -17.91
C ALA D 190 -47.82 -10.66 -17.13
N GLU D 191 -47.71 -11.98 -17.17
CA GLU D 191 -48.64 -12.80 -16.40
C GLU D 191 -48.13 -13.23 -15.05
N SER D 192 -47.04 -12.64 -14.59
CA SER D 192 -46.48 -13.05 -13.31
C SER D 192 -47.14 -12.28 -12.17
N ALA D 193 -47.26 -12.93 -11.02
CA ALA D 193 -47.67 -12.25 -9.82
C ALA D 193 -46.46 -11.73 -9.02
N CYS D 194 -45.24 -12.13 -9.41
CA CYS D 194 -44.06 -11.70 -8.66
CA CYS D 194 -43.99 -11.69 -8.78
C CYS D 194 -43.97 -10.17 -8.64
N GLN D 195 -43.41 -9.66 -7.55
CA GLN D 195 -43.25 -8.23 -7.39
C GLN D 195 -41.79 -7.90 -7.56
N LEU D 196 -41.34 -7.90 -8.82
CA LEU D 196 -39.94 -7.69 -9.12
C LEU D 196 -39.47 -6.30 -8.70
N GLU D 197 -38.33 -6.23 -8.05
CA GLU D 197 -37.75 -4.96 -7.64
C GLU D 197 -36.60 -4.57 -8.55
N THR D 198 -35.91 -5.58 -9.09
CA THR D 198 -34.71 -5.33 -9.86
C THR D 198 -34.67 -6.17 -11.12
N LEU D 199 -34.50 -5.50 -12.25
CA LEU D 199 -34.40 -6.20 -13.52
C LEU D 199 -33.23 -5.66 -14.34
N LYS D 200 -32.28 -6.53 -14.67
CA LYS D 200 -31.10 -6.11 -15.42
C LYS D 200 -30.97 -6.90 -16.72
N LEU D 201 -30.92 -6.16 -17.83
CA LEU D 201 -30.84 -6.72 -19.16
C LEU D 201 -29.72 -6.03 -19.92
N GLU D 202 -28.65 -5.73 -19.20
CA GLU D 202 -27.55 -5.00 -19.78
C GLU D 202 -26.81 -5.84 -20.82
N ASN D 203 -26.55 -5.25 -21.98
CA ASN D 203 -25.80 -5.96 -23.03
C ASN D 203 -26.43 -7.33 -23.32
N CYS D 204 -27.69 -7.32 -23.68
CA CYS D 204 -28.45 -8.53 -23.92
C CYS D 204 -28.95 -8.63 -25.35
N GLY D 205 -28.62 -7.61 -26.15
CA GLY D 205 -29.06 -7.54 -27.52
C GLY D 205 -30.49 -7.01 -27.62
N LEU D 206 -30.94 -6.22 -26.65
CA LEU D 206 -32.27 -5.63 -26.73
C LEU D 206 -32.36 -4.65 -27.86
N THR D 207 -33.54 -4.55 -28.45
CA THR D 207 -33.80 -3.63 -29.56
C THR D 207 -34.83 -2.59 -29.20
N ALA D 208 -35.01 -1.62 -30.10
CA ALA D 208 -36.06 -0.60 -29.93
C ALA D 208 -37.43 -1.25 -29.80
N ALA D 209 -37.63 -2.34 -30.52
CA ALA D 209 -38.90 -3.05 -30.50
C ALA D 209 -39.17 -3.63 -29.11
N ASN D 210 -38.12 -4.11 -28.45
CA ASN D 210 -38.28 -4.63 -27.09
C ASN D 210 -38.72 -3.52 -26.13
N CYS D 211 -38.42 -2.27 -26.45
CA CYS D 211 -38.83 -1.18 -25.57
C CYS D 211 -40.35 -1.07 -25.52
N LYS D 212 -41.01 -1.47 -26.61
CA LYS D 212 -42.46 -1.50 -26.64
C LYS D 212 -42.95 -2.54 -25.66
N ASP D 213 -42.32 -3.72 -25.68
CA ASP D 213 -42.67 -4.79 -24.73
C ASP D 213 -42.40 -4.38 -23.28
N LEU D 214 -41.25 -3.75 -23.04
CA LEU D 214 -40.91 -3.36 -21.68
C LEU D 214 -41.84 -2.28 -21.16
N CYS D 215 -42.34 -1.43 -22.05
CA CYS D 215 -43.16 -0.30 -21.67
C CYS D 215 -44.38 -0.71 -20.85
N GLY D 216 -45.08 -1.74 -21.31
CA GLY D 216 -46.23 -2.25 -20.59
C GLY D 216 -45.88 -2.76 -19.21
N ILE D 217 -44.78 -3.48 -19.11
CA ILE D 217 -44.34 -3.97 -17.82
C ILE D 217 -44.01 -2.83 -16.86
N VAL D 218 -43.15 -1.93 -17.29
CA VAL D 218 -42.72 -0.79 -16.49
C VAL D 218 -43.89 0.10 -16.03
N ALA D 219 -44.89 0.25 -16.89
CA ALA D 219 -46.06 1.05 -16.57
C ALA D 219 -46.93 0.38 -15.52
N SER D 220 -46.91 -0.94 -15.50
CA SER D 220 -47.81 -1.72 -14.65
C SER D 220 -47.19 -2.38 -13.39
N GLN D 221 -45.92 -2.10 -13.08
CA GLN D 221 -45.23 -2.72 -11.93
C GLN D 221 -44.76 -1.73 -10.86
N ALA D 222 -45.62 -1.38 -9.90
CA ALA D 222 -45.27 -0.41 -8.88
C ALA D 222 -44.03 -0.81 -8.06
N SER D 223 -43.82 -2.12 -7.91
CA SER D 223 -42.73 -2.61 -7.10
C SER D 223 -41.36 -2.42 -7.77
N LEU D 224 -41.32 -2.14 -9.07
CA LEU D 224 -40.03 -2.07 -9.78
C LEU D 224 -39.20 -0.88 -9.35
N LYS D 225 -37.95 -1.11 -8.94
CA LYS D 225 -37.09 -0.03 -8.45
C LYS D 225 -35.85 0.24 -9.31
N ASP D 226 -35.31 -0.82 -9.89
CA ASP D 226 -34.02 -0.71 -10.55
C ASP D 226 -34.10 -1.39 -11.91
N LEU D 227 -33.91 -0.61 -12.97
CA LEU D 227 -33.98 -1.11 -14.33
C LEU D 227 -32.69 -0.75 -15.06
N ASP D 228 -31.95 -1.78 -15.47
CA ASP D 228 -30.68 -1.57 -16.15
C ASP D 228 -30.75 -2.08 -17.56
N LEU D 229 -30.73 -1.16 -18.52
CA LEU D 229 -30.77 -1.55 -19.91
C LEU D 229 -29.55 -1.06 -20.66
N GLY D 230 -28.43 -0.86 -19.95
CA GLY D 230 -27.24 -0.31 -20.56
C GLY D 230 -26.70 -1.19 -21.67
N SER D 231 -25.93 -0.59 -22.59
CA SER D 231 -25.27 -1.36 -23.66
C SER D 231 -26.25 -2.16 -24.51
N ASN D 232 -27.31 -1.50 -24.94
CA ASN D 232 -28.23 -2.06 -25.93
C ASN D 232 -28.52 -0.99 -26.97
N ARG D 233 -28.80 -1.43 -28.20
CA ARG D 233 -29.07 -0.46 -29.27
C ARG D 233 -30.51 0.02 -29.22
N LEU D 234 -30.84 0.82 -28.22
CA LEU D 234 -32.22 1.27 -28.07
C LEU D 234 -32.53 2.41 -29.03
N GLY D 235 -31.66 3.42 -29.07
CA GLY D 235 -31.88 4.58 -29.91
C GLY D 235 -32.91 5.51 -29.32
N ASP D 236 -32.97 6.74 -29.84
CA ASP D 236 -34.00 7.68 -29.43
C ASP D 236 -35.38 7.07 -29.64
N ALA D 237 -35.50 6.29 -30.72
CA ALA D 237 -36.78 5.65 -31.03
C ALA D 237 -37.20 4.65 -29.95
N GLY D 238 -36.24 3.85 -29.48
CA GLY D 238 -36.49 2.91 -28.39
C GLY D 238 -36.83 3.62 -27.07
N LEU D 239 -36.04 4.64 -26.73
CA LEU D 239 -36.29 5.38 -25.50
C LEU D 239 -37.68 6.03 -25.56
N ALA D 240 -38.08 6.47 -26.75
CA ALA D 240 -39.40 7.05 -26.94
C ALA D 240 -40.51 6.03 -26.64
N GLU D 241 -40.30 4.75 -26.96
CA GLU D 241 -41.33 3.76 -26.68
C GLU D 241 -41.39 3.48 -25.18
N LEU D 242 -40.29 3.74 -24.48
CA LEU D 242 -40.21 3.43 -23.05
C LEU D 242 -40.85 4.53 -22.17
N CYS D 243 -40.73 5.78 -22.57
CA CYS D 243 -41.18 6.91 -21.77
C CYS D 243 -42.64 6.92 -21.28
N PRO D 244 -43.60 6.47 -22.12
CA PRO D 244 -44.98 6.39 -21.59
C PRO D 244 -45.11 5.44 -20.40
N GLY D 245 -44.32 4.37 -20.41
CA GLY D 245 -44.22 3.49 -19.27
C GLY D 245 -43.59 4.18 -18.06
N LEU D 246 -42.55 4.96 -18.30
CA LEU D 246 -41.84 5.62 -17.19
C LEU D 246 -42.69 6.75 -16.59
N LEU D 247 -43.60 7.28 -17.40
CA LEU D 247 -44.51 8.36 -16.98
C LEU D 247 -45.76 7.82 -16.30
N SER D 248 -45.91 6.51 -16.28
CA SER D 248 -47.08 5.89 -15.67
C SER D 248 -47.23 6.24 -14.20
N PRO D 249 -48.46 6.56 -13.78
CA PRO D 249 -48.77 6.87 -12.38
C PRO D 249 -48.37 5.73 -11.46
N SER D 250 -48.40 4.50 -11.97
CA SER D 250 -48.01 3.32 -11.20
C SER D 250 -46.49 3.11 -11.10
N SER D 251 -45.72 3.73 -12.01
CA SER D 251 -44.26 3.55 -12.02
C SER D 251 -43.58 4.36 -10.91
N GLN D 252 -42.82 3.69 -10.05
CA GLN D 252 -42.07 4.39 -9.00
C GLN D 252 -40.60 4.02 -9.09
N LEU D 253 -40.09 3.96 -10.32
CA LEU D 253 -38.70 3.59 -10.58
C LEU D 253 -37.75 4.49 -9.81
N ARG D 254 -36.77 3.89 -9.15
CA ARG D 254 -35.78 4.62 -8.38
C ARG D 254 -34.47 4.80 -9.15
N THR D 255 -34.13 3.79 -9.93
CA THR D 255 -32.84 3.71 -10.61
C THR D 255 -33.01 3.28 -12.06
N LEU D 256 -32.45 4.08 -12.96
CA LEU D 256 -32.58 3.83 -14.39
C LEU D 256 -31.22 3.94 -15.09
N TRP D 257 -30.78 2.84 -15.68
CA TRP D 257 -29.49 2.77 -16.33
C TRP D 257 -29.64 2.71 -17.84
N LEU D 258 -29.25 3.77 -18.52
CA LEU D 258 -29.37 3.83 -19.98
C LEU D 258 -28.06 4.19 -20.67
N TRP D 259 -26.94 3.69 -20.15
CA TRP D 259 -25.62 3.99 -20.73
C TRP D 259 -25.40 3.23 -22.04
N GLU D 260 -24.65 3.85 -22.95
CA GLU D 260 -24.37 3.28 -24.25
C GLU D 260 -25.61 2.68 -24.90
N CYS D 261 -26.66 3.52 -25.00
CA CYS D 261 -27.93 3.11 -25.59
C CYS D 261 -28.21 3.83 -26.92
N ASP D 262 -27.16 4.35 -27.54
CA ASP D 262 -27.26 5.09 -28.80
C ASP D 262 -28.21 6.29 -28.72
N LEU D 263 -28.22 6.96 -27.59
CA LEU D 263 -29.11 8.10 -27.43
C LEU D 263 -28.43 9.37 -27.93
N THR D 264 -29.21 10.28 -28.51
CA THR D 264 -28.75 11.61 -28.80
C THR D 264 -29.52 12.60 -27.93
N VAL D 265 -29.30 13.89 -28.20
CA VAL D 265 -30.01 14.97 -27.52
C VAL D 265 -31.54 14.84 -27.67
N SER D 266 -32.02 14.32 -28.79
CA SER D 266 -33.46 14.15 -28.98
C SER D 266 -34.05 13.20 -27.94
N GLY D 267 -33.37 12.08 -27.70
CA GLY D 267 -33.79 11.14 -26.68
C GLY D 267 -33.65 11.75 -25.29
N CYS D 268 -32.55 12.46 -25.08
CA CYS D 268 -32.31 13.13 -23.83
C CYS D 268 -33.47 14.07 -23.53
N ARG D 269 -33.90 14.80 -24.55
CA ARG D 269 -35.04 15.72 -24.42
C ARG D 269 -36.30 15.00 -23.97
N GLU D 270 -36.58 13.85 -24.57
CA GLU D 270 -37.72 13.02 -24.15
C GLU D 270 -37.64 12.63 -22.70
N LEU D 271 -36.46 12.15 -22.31
CA LEU D 271 -36.26 11.66 -20.95
C LEU D 271 -36.48 12.76 -19.92
N CYS D 272 -36.13 13.99 -20.29
CA CYS D 272 -36.30 15.12 -19.39
C CYS D 272 -37.74 15.33 -18.96
N ARG D 273 -38.68 14.92 -19.81
CA ARG D 273 -40.08 14.93 -19.44
C ARG D 273 -40.33 14.03 -18.25
N VAL D 274 -39.71 12.86 -18.26
CA VAL D 274 -39.83 11.92 -17.14
C VAL D 274 -39.19 12.51 -15.87
N LEU D 275 -38.03 13.12 -16.03
CA LEU D 275 -37.25 13.64 -14.91
C LEU D 275 -38.01 14.70 -14.12
N GLN D 276 -38.81 15.48 -14.84
CA GLN D 276 -39.57 16.55 -14.21
C GLN D 276 -40.82 16.02 -13.51
N ALA D 277 -41.32 14.88 -13.96
CA ALA D 277 -42.60 14.38 -13.48
C ALA D 277 -42.50 13.31 -12.40
N LYS D 278 -41.39 12.58 -12.36
CA LYS D 278 -41.32 11.42 -11.46
C LYS D 278 -40.34 11.61 -10.31
N GLU D 279 -40.89 11.95 -9.15
CA GLU D 279 -40.11 12.20 -7.94
C GLU D 279 -39.42 11.00 -7.32
N ALA D 280 -39.91 9.79 -7.59
CA ALA D 280 -39.26 8.61 -7.02
C ALA D 280 -37.89 8.34 -7.65
N LEU D 281 -37.65 8.89 -8.84
CA LEU D 281 -36.41 8.62 -9.55
C LEU D 281 -35.19 9.28 -8.91
N LYS D 282 -34.28 8.49 -8.36
CA LYS D 282 -33.11 9.03 -7.65
C LYS D 282 -31.76 8.91 -8.39
N GLU D 283 -31.61 7.87 -9.21
CA GLU D 283 -30.36 7.61 -9.91
C GLU D 283 -30.59 7.37 -11.39
N LEU D 284 -29.85 8.10 -12.21
CA LEU D 284 -29.95 7.99 -13.65
C LEU D 284 -28.57 8.01 -14.28
N SER D 285 -28.30 7.08 -15.19
CA SER D 285 -27.09 7.16 -16.00
C SER D 285 -27.38 7.34 -17.49
N LEU D 286 -26.75 8.33 -18.11
CA LEU D 286 -26.83 8.49 -19.55
C LEU D 286 -25.42 8.43 -20.13
N ALA D 287 -24.50 7.89 -19.34
CA ALA D 287 -23.10 7.82 -19.76
C ALA D 287 -22.95 7.13 -21.12
N GLY D 288 -21.95 7.54 -21.87
CA GLY D 288 -21.64 6.91 -23.15
C GLY D 288 -22.69 7.15 -24.23
N ASN D 289 -23.43 8.25 -24.10
CA ASN D 289 -24.32 8.70 -25.17
C ASN D 289 -23.88 10.08 -25.71
N SER D 290 -23.89 10.22 -27.04
CA SER D 290 -23.54 11.51 -27.66
C SER D 290 -24.65 12.52 -27.41
N LEU D 291 -24.60 13.20 -26.26
CA LEU D 291 -25.63 14.16 -25.92
C LEU D 291 -25.21 15.61 -26.20
N GLY D 292 -23.92 15.88 -26.12
CA GLY D 292 -23.36 17.19 -26.36
C GLY D 292 -23.78 18.24 -25.34
N ASP D 293 -23.24 19.44 -25.49
CA ASP D 293 -23.53 20.55 -24.57
C ASP D 293 -25.02 20.87 -24.51
N GLU D 294 -25.71 20.66 -25.64
CA GLU D 294 -27.17 20.80 -25.68
C GLU D 294 -27.85 19.87 -24.66
N GLY D 295 -27.43 18.60 -24.67
CA GLY D 295 -27.91 17.62 -23.71
C GLY D 295 -27.68 18.04 -22.27
N ALA D 296 -26.47 18.52 -22.00
CA ALA D 296 -26.14 18.97 -20.65
C ALA D 296 -27.08 20.12 -20.23
N GLN D 297 -27.38 21.01 -21.18
CA GLN D 297 -28.24 22.16 -20.87
C GLN D 297 -29.67 21.71 -20.50
N LEU D 298 -30.26 20.82 -21.30
CA LEU D 298 -31.57 20.25 -20.98
C LEU D 298 -31.58 19.54 -19.63
N LEU D 299 -30.56 18.73 -19.37
CA LEU D 299 -30.46 18.03 -18.09
C LEU D 299 -30.39 19.03 -16.92
N CYS D 300 -29.59 20.08 -17.07
CA CYS D 300 -29.50 21.08 -16.01
C CYS D 300 -30.82 21.80 -15.79
N GLU D 301 -31.55 22.11 -16.85
CA GLU D 301 -32.87 22.73 -16.70
C GLU D 301 -33.84 21.84 -15.95
N SER D 302 -33.87 20.55 -16.29
CA SER D 302 -34.76 19.62 -15.60
C SER D 302 -34.41 19.51 -14.13
N LEU D 303 -33.11 19.58 -13.82
CA LEU D 303 -32.66 19.49 -12.43
C LEU D 303 -33.04 20.74 -11.62
N LEU D 304 -33.52 21.77 -12.31
CA LEU D 304 -34.01 22.96 -11.64
C LEU D 304 -35.53 22.97 -11.48
N GLN D 305 -36.21 21.96 -12.02
CA GLN D 305 -37.65 21.82 -11.83
C GLN D 305 -37.93 21.14 -10.48
N PRO D 306 -39.00 21.57 -9.78
CA PRO D 306 -39.32 21.12 -8.42
C PRO D 306 -39.54 19.62 -8.31
N GLY D 307 -40.20 19.05 -9.31
CA GLY D 307 -40.54 17.65 -9.33
C GLY D 307 -39.35 16.73 -9.53
N CYS D 308 -38.20 17.30 -9.89
CA CYS D 308 -36.99 16.50 -10.07
C CYS D 308 -36.24 16.31 -8.75
N GLN D 309 -36.22 15.08 -8.27
CA GLN D 309 -35.57 14.78 -7.00
C GLN D 309 -34.33 13.89 -7.17
N LEU D 310 -33.79 13.89 -8.38
CA LEU D 310 -32.61 13.09 -8.72
C LEU D 310 -31.47 13.34 -7.73
N GLU D 311 -30.83 12.28 -7.28
CA GLU D 311 -29.73 12.40 -6.33
C GLU D 311 -28.40 12.03 -6.97
N SER D 312 -28.45 11.35 -8.11
CA SER D 312 -27.22 10.95 -8.73
C SER D 312 -27.34 10.98 -10.25
N LEU D 313 -26.45 11.73 -10.89
CA LEU D 313 -26.44 11.77 -12.35
C LEU D 313 -25.09 11.33 -12.91
N TRP D 314 -25.12 10.24 -13.67
CA TRP D 314 -23.91 9.72 -14.29
C TRP D 314 -23.92 10.07 -15.76
N VAL D 315 -23.01 10.96 -16.16
CA VAL D 315 -22.92 11.38 -17.54
C VAL D 315 -21.48 11.41 -18.03
N LYS D 316 -20.76 10.37 -17.68
CA LYS D 316 -19.44 10.13 -18.21
C LYS D 316 -19.52 9.92 -19.73
N SER D 317 -18.51 10.38 -20.47
CA SER D 317 -18.45 10.20 -21.92
C SER D 317 -19.70 10.60 -22.66
N CYS D 318 -20.12 11.84 -22.49
CA CYS D 318 -21.33 12.29 -23.16
C CYS D 318 -21.09 13.39 -24.19
N GLY D 319 -19.81 13.66 -24.49
CA GLY D 319 -19.42 14.71 -25.42
C GLY D 319 -19.64 16.13 -24.91
N PHE D 320 -19.49 16.33 -23.61
CA PHE D 320 -19.62 17.67 -23.02
C PHE D 320 -18.33 18.45 -23.14
N THR D 321 -18.44 19.77 -23.31
CA THR D 321 -17.26 20.64 -23.34
C THR D 321 -17.32 21.64 -22.21
N ALA D 322 -16.30 22.50 -22.15
CA ALA D 322 -16.24 23.59 -21.19
C ALA D 322 -17.47 24.50 -21.29
N ALA D 323 -18.05 24.55 -22.48
CA ALA D 323 -19.21 25.41 -22.73
C ALA D 323 -20.43 25.02 -21.89
N CYS D 324 -20.49 23.77 -21.44
CA CYS D 324 -21.63 23.31 -20.65
C CYS D 324 -21.52 23.66 -19.17
N CYS D 325 -20.33 24.04 -18.72
CA CYS D 325 -20.06 24.12 -17.28
C CYS D 325 -20.76 25.24 -16.51
N GLN D 326 -21.02 26.37 -17.16
CA GLN D 326 -21.79 27.43 -16.50
C GLN D 326 -23.19 26.92 -16.13
N HIS D 327 -23.79 26.16 -17.03
CA HIS D 327 -25.09 25.52 -16.75
C HIS D 327 -25.02 24.59 -15.54
N PHE D 328 -24.03 23.70 -15.52
CA PHE D 328 -23.85 22.83 -14.35
C PHE D 328 -23.60 23.72 -13.14
N SER D 329 -22.85 24.80 -13.35
CA SER D 329 -22.61 25.75 -12.26
C SER D 329 -23.88 26.38 -11.69
N SER D 330 -24.77 26.86 -12.56
CA SER D 330 -26.04 27.45 -12.12
C SER D 330 -26.88 26.43 -11.37
N MET D 331 -27.00 25.25 -11.98
CA MET D 331 -27.77 24.16 -11.42
C MET D 331 -27.23 23.79 -10.05
N LEU D 332 -25.91 23.71 -9.93
CA LEU D 332 -25.31 23.25 -8.68
C LEU D 332 -25.48 24.18 -7.49
N THR D 333 -25.58 25.47 -7.75
CA THR D 333 -25.74 26.44 -6.67
C THR D 333 -27.17 26.45 -6.14
N GLN D 334 -28.09 25.99 -6.98
CA GLN D 334 -29.53 26.02 -6.68
C GLN D 334 -30.14 24.68 -6.27
N ASN D 335 -29.70 23.59 -6.90
CA ASN D 335 -30.27 22.27 -6.61
C ASN D 335 -29.91 21.74 -5.21
N LYS D 336 -30.89 21.29 -4.44
CA LYS D 336 -30.63 20.78 -3.09
C LYS D 336 -30.86 19.28 -2.95
N HIS D 337 -30.97 18.59 -4.09
CA HIS D 337 -31.23 17.16 -4.07
C HIS D 337 -30.06 16.35 -4.65
N LEU D 338 -29.41 16.89 -5.68
CA LEU D 338 -28.31 16.20 -6.35
C LEU D 338 -27.07 16.03 -5.48
N LEU D 339 -26.74 14.78 -5.15
CA LEU D 339 -25.60 14.51 -4.27
C LEU D 339 -24.35 14.03 -5.01
N GLU D 340 -24.56 13.50 -6.22
CA GLU D 340 -23.47 12.92 -6.99
C GLU D 340 -23.56 13.29 -8.45
N LEU D 341 -22.44 13.73 -8.99
CA LEU D 341 -22.37 14.12 -10.39
C LEU D 341 -21.10 13.56 -11.03
N GLN D 342 -21.29 12.70 -12.01
CA GLN D 342 -20.18 12.06 -12.69
C GLN D 342 -19.97 12.66 -14.08
N LEU D 343 -18.85 13.36 -14.25
CA LEU D 343 -18.57 14.08 -15.50
C LEU D 343 -17.29 13.59 -16.20
N SER D 344 -16.73 12.48 -15.70
CA SER D 344 -15.52 11.90 -16.28
C SER D 344 -15.59 11.65 -17.78
N SER D 345 -14.42 11.72 -18.41
CA SER D 345 -14.29 11.47 -19.85
C SER D 345 -15.15 12.42 -20.71
N ASN D 346 -15.31 13.65 -20.24
CA ASN D 346 -15.78 14.76 -21.07
C ASN D 346 -14.67 15.81 -21.06
N PRO D 347 -14.31 16.33 -22.25
CA PRO D 347 -13.22 17.31 -22.39
C PRO D 347 -13.55 18.71 -21.83
N LEU D 348 -13.68 18.82 -20.51
CA LEU D 348 -14.04 20.08 -19.88
C LEU D 348 -12.88 21.07 -19.80
N GLY D 349 -11.67 20.54 -19.68
CA GLY D 349 -10.47 21.35 -19.55
C GLY D 349 -10.41 22.15 -18.27
N ASP D 350 -9.29 22.83 -18.04
CA ASP D 350 -9.09 23.63 -16.83
C ASP D 350 -10.18 24.70 -16.66
N ALA D 351 -10.57 25.35 -17.75
CA ALA D 351 -11.55 26.44 -17.70
C ALA D 351 -12.91 25.94 -17.21
N GLY D 352 -13.34 24.79 -17.73
CA GLY D 352 -14.61 24.22 -17.32
C GLY D 352 -14.67 23.90 -15.84
N VAL D 353 -13.63 23.21 -15.36
CA VAL D 353 -13.57 22.77 -13.97
C VAL D 353 -13.44 23.95 -12.99
N HIS D 354 -12.81 25.02 -13.47
CA HIS D 354 -12.71 26.25 -12.68
C HIS D 354 -14.10 26.79 -12.33
N VAL D 355 -14.97 26.86 -13.34
CA VAL D 355 -16.36 27.27 -13.16
C VAL D 355 -17.11 26.39 -12.15
N LEU D 356 -16.93 25.08 -12.26
CA LEU D 356 -17.53 24.15 -11.31
C LEU D 356 -16.99 24.41 -9.91
N CYS D 357 -15.68 24.64 -9.83
CA CYS D 357 -15.05 24.97 -8.54
C CYS D 357 -15.64 26.24 -7.87
N GLN D 358 -15.90 27.28 -8.65
CA GLN D 358 -16.46 28.51 -8.08
C GLN D 358 -17.81 28.20 -7.45
N ALA D 359 -18.60 27.43 -8.19
CA ALA D 359 -19.96 27.07 -7.77
C ALA D 359 -19.98 26.27 -6.47
N LEU D 360 -19.14 25.24 -6.39
CA LEU D 360 -19.22 24.32 -5.26
C LEU D 360 -18.61 24.92 -4.00
N GLY D 361 -17.85 25.99 -4.19
CA GLY D 361 -17.34 26.79 -3.08
C GLY D 361 -18.43 27.47 -2.27
N GLN D 362 -19.49 27.89 -2.95
CA GLN D 362 -20.60 28.59 -2.33
C GLN D 362 -21.21 27.84 -1.16
N PRO D 363 -21.62 28.58 -0.12
CA PRO D 363 -22.26 27.97 1.05
C PRO D 363 -23.67 27.58 0.66
N GLY D 364 -24.24 26.60 1.35
CA GLY D 364 -25.56 26.11 0.99
C GLY D 364 -25.58 25.04 -0.10
N THR D 365 -24.45 24.78 -0.76
CA THR D 365 -24.39 23.72 -1.78
C THR D 365 -24.43 22.35 -1.13
N VAL D 366 -24.83 21.33 -1.89
CA VAL D 366 -25.04 20.00 -1.32
C VAL D 366 -24.20 18.88 -1.96
N LEU D 367 -23.64 19.11 -3.14
CA LEU D 367 -22.98 18.03 -3.88
C LEU D 367 -21.93 17.33 -3.03
N ARG D 368 -22.06 16.01 -2.90
CA ARG D 368 -21.18 15.23 -2.05
C ARG D 368 -20.09 14.53 -2.87
N VAL D 369 -20.40 14.17 -4.11
CA VAL D 369 -19.49 13.40 -4.96
C VAL D 369 -19.38 13.99 -6.37
N LEU D 370 -18.17 14.30 -6.80
CA LEU D 370 -17.93 14.87 -8.13
C LEU D 370 -16.84 14.08 -8.82
N TRP D 371 -17.14 13.58 -10.02
CA TRP D 371 -16.13 12.88 -10.80
C TRP D 371 -15.71 13.78 -11.94
N VAL D 372 -14.44 14.14 -12.02
CA VAL D 372 -13.93 14.86 -13.18
C VAL D 372 -12.63 14.23 -13.69
N GLY D 373 -12.60 12.91 -13.76
CA GLY D 373 -11.45 12.22 -14.27
C GLY D 373 -11.42 12.24 -15.78
N ASP D 374 -10.22 12.23 -16.38
CA ASP D 374 -10.11 12.19 -17.83
C ASP D 374 -10.89 13.36 -18.41
N CYS D 375 -10.67 14.53 -17.84
CA CYS D 375 -11.35 15.75 -18.28
C CYS D 375 -10.36 16.77 -18.85
N GLU D 376 -9.18 16.28 -19.24
CA GLU D 376 -8.08 17.08 -19.79
C GLU D 376 -7.55 18.15 -18.85
N LEU D 377 -7.52 17.84 -17.56
CA LEU D 377 -7.05 18.79 -16.57
C LEU D 377 -5.52 18.84 -16.53
N THR D 378 -4.98 20.02 -16.20
CA THR D 378 -3.55 20.18 -16.06
C THR D 378 -3.28 20.68 -14.64
N ASN D 379 -2.01 20.90 -14.31
CA ASN D 379 -1.68 21.43 -12.99
C ASN D 379 -2.33 22.80 -12.77
N SER D 380 -2.64 23.50 -13.86
CA SER D 380 -3.25 24.83 -13.78
C SER D 380 -4.59 24.84 -13.04
N SER D 381 -5.28 23.70 -13.05
CA SER D 381 -6.57 23.59 -12.39
C SER D 381 -6.44 23.35 -10.90
N CYS D 382 -5.25 23.02 -10.44
CA CYS D 382 -5.13 22.58 -9.05
C CYS D 382 -5.20 23.73 -8.04
N GLY D 383 -5.02 24.96 -8.50
CA GLY D 383 -5.29 26.12 -7.67
C GLY D 383 -6.75 26.12 -7.24
N GLY D 384 -7.65 26.13 -8.23
CA GLY D 384 -9.08 26.06 -7.96
C GLY D 384 -9.50 24.87 -7.12
N LEU D 385 -9.00 23.68 -7.47
CA LEU D 385 -9.37 22.48 -6.73
C LEU D 385 -8.92 22.57 -5.27
N ALA D 386 -7.73 23.11 -5.06
CA ALA D 386 -7.22 23.29 -3.69
C ALA D 386 -8.11 24.22 -2.88
N SER D 387 -8.63 25.27 -3.50
CA SER D 387 -9.52 26.19 -2.81
C SER D 387 -10.86 25.52 -2.51
N LEU D 388 -11.34 24.77 -3.48
CA LEU D 388 -12.58 24.05 -3.32
C LEU D 388 -12.52 23.11 -2.12
N LEU D 389 -11.35 22.50 -1.91
CA LEU D 389 -11.20 21.54 -0.82
C LEU D 389 -11.29 22.21 0.56
N LEU D 390 -11.06 23.52 0.60
CA LEU D 390 -11.23 24.28 1.85
C LEU D 390 -12.60 24.94 1.95
N ALA D 391 -13.17 25.32 0.82
CA ALA D 391 -14.43 26.08 0.82
C ALA D 391 -15.71 25.25 0.84
N SER D 392 -15.71 24.09 0.18
CA SER D 392 -16.94 23.33 0.04
C SER D 392 -17.51 22.80 1.36
N PRO D 393 -18.81 23.03 1.59
CA PRO D 393 -19.47 22.57 2.81
C PRO D 393 -19.90 21.12 2.71
N SER D 394 -19.97 20.58 1.50
CA SER D 394 -20.59 19.26 1.33
C SER D 394 -19.72 18.18 0.68
N LEU D 395 -18.74 18.58 -0.12
CA LEU D 395 -17.91 17.64 -0.88
C LEU D 395 -17.20 16.60 0.00
N ARG D 396 -17.43 15.32 -0.30
CA ARG D 396 -16.79 14.24 0.44
C ARG D 396 -15.90 13.35 -0.42
N GLU D 397 -16.17 13.33 -1.73
CA GLU D 397 -15.38 12.51 -2.64
C GLU D 397 -15.10 13.26 -3.94
N LEU D 398 -13.83 13.31 -4.32
CA LEU D 398 -13.43 13.99 -5.54
C LEU D 398 -12.54 13.08 -6.39
N ASP D 399 -12.94 12.87 -7.64
CA ASP D 399 -12.19 11.98 -8.52
C ASP D 399 -11.48 12.78 -9.58
N LEU D 400 -10.14 12.81 -9.49
CA LEU D 400 -9.32 13.52 -10.48
C LEU D 400 -8.50 12.61 -11.37
N SER D 401 -8.82 11.32 -11.36
CA SER D 401 -8.05 10.29 -12.07
C SER D 401 -7.84 10.60 -13.55
N ASN D 402 -6.77 10.08 -14.14
CA ASN D 402 -6.61 10.10 -15.60
C ASN D 402 -6.57 11.50 -16.20
N ASN D 403 -6.00 12.44 -15.45
CA ASN D 403 -5.67 13.77 -15.94
C ASN D 403 -4.16 13.94 -15.94
N GLY D 404 -3.65 14.81 -16.79
CA GLY D 404 -2.21 15.05 -16.83
C GLY D 404 -1.68 15.91 -15.69
N LEU D 405 -1.98 15.53 -14.45
CA LEU D 405 -1.45 16.23 -13.28
C LEU D 405 -0.12 15.61 -12.87
N GLY D 406 0.76 16.43 -12.27
CA GLY D 406 2.03 15.96 -11.72
C GLY D 406 2.35 16.68 -10.42
N ASP D 407 3.62 16.61 -10.01
CA ASP D 407 4.11 17.14 -8.73
C ASP D 407 3.55 18.52 -8.33
N PRO D 408 3.75 19.54 -9.18
CA PRO D 408 3.25 20.84 -8.72
C PRO D 408 1.76 20.86 -8.43
N GLY D 409 0.95 20.25 -9.30
CA GLY D 409 -0.48 20.22 -9.08
C GLY D 409 -0.84 19.45 -7.82
N VAL D 410 -0.24 18.29 -7.65
CA VAL D 410 -0.52 17.44 -6.50
C VAL D 410 -0.05 18.11 -5.22
N LEU D 411 1.09 18.80 -5.27
CA LEU D 411 1.59 19.52 -4.08
C LEU D 411 0.57 20.58 -3.63
N GLN D 412 -0.04 21.26 -4.58
CA GLN D 412 -1.11 22.21 -4.26
C GLN D 412 -2.28 21.54 -3.56
N LEU D 413 -2.71 20.39 -4.07
CA LEU D 413 -3.84 19.68 -3.46
C LEU D 413 -3.50 19.30 -2.03
N LEU D 414 -2.29 18.81 -1.85
CA LEU D 414 -1.77 18.45 -0.53
C LEU D 414 -1.82 19.62 0.45
N GLY D 415 -1.62 20.83 -0.05
CA GLY D 415 -1.71 22.02 0.79
C GLY D 415 -3.05 22.13 1.52
N SER D 416 -4.13 21.86 0.80
CA SER D 416 -5.46 21.95 1.39
C SER D 416 -5.74 20.73 2.23
N LEU D 417 -5.29 19.56 1.76
CA LEU D 417 -5.57 18.32 2.45
C LEU D 417 -4.94 18.28 3.84
N GLU D 418 -3.83 18.99 4.02
CA GLU D 418 -3.20 19.09 5.34
C GLU D 418 -4.05 19.85 6.34
N GLN D 419 -4.78 20.86 5.88
CA GLN D 419 -5.52 21.75 6.79
C GLN D 419 -6.71 21.05 7.46
N PRO D 420 -6.93 21.34 8.75
CA PRO D 420 -8.06 20.77 9.50
C PRO D 420 -9.42 21.20 8.92
N ALA D 421 -9.46 22.33 8.21
CA ALA D 421 -10.67 22.81 7.54
C ALA D 421 -11.13 21.89 6.39
N CYS D 422 -10.25 21.02 5.92
CA CYS D 422 -10.56 20.09 4.84
C CYS D 422 -11.08 18.77 5.39
N SER D 423 -12.31 18.40 5.06
CA SER D 423 -12.88 17.17 5.60
C SER D 423 -13.25 16.16 4.52
N LEU D 424 -12.66 16.30 3.34
CA LEU D 424 -12.83 15.34 2.26
C LEU D 424 -12.57 13.90 2.73
N GLU D 425 -13.42 12.96 2.33
CA GLU D 425 -13.25 11.57 2.74
C GLU D 425 -12.34 10.79 1.78
N GLN D 426 -12.47 11.07 0.48
CA GLN D 426 -11.70 10.39 -0.55
C GLN D 426 -11.19 11.35 -1.62
N LEU D 427 -9.88 11.34 -1.87
CA LEU D 427 -9.35 11.97 -3.07
C LEU D 427 -8.88 10.88 -4.02
N VAL D 428 -9.39 10.86 -5.24
CA VAL D 428 -9.10 9.77 -6.17
C VAL D 428 -8.12 10.21 -7.24
N LEU D 429 -6.99 9.52 -7.30
CA LEU D 429 -5.90 9.92 -8.18
C LEU D 429 -5.31 8.77 -8.97
N TYR D 430 -6.17 7.93 -9.54
CA TYR D 430 -5.70 6.82 -10.35
C TYR D 430 -4.95 7.30 -11.60
N ASP D 431 -3.83 6.64 -11.91
CA ASP D 431 -3.06 6.91 -13.13
C ASP D 431 -2.54 8.35 -13.18
N ILE D 432 -2.29 8.93 -12.00
CA ILE D 432 -1.64 10.23 -11.90
C ILE D 432 -0.19 9.99 -11.53
N TYR D 433 0.74 10.49 -12.35
CA TYR D 433 2.15 10.29 -12.04
C TYR D 433 2.73 11.43 -11.21
N TRP D 434 3.08 11.11 -9.98
CA TRP D 434 3.88 11.98 -9.13
C TRP D 434 5.14 11.24 -8.72
N THR D 435 6.21 11.98 -8.43
CA THR D 435 7.52 11.41 -8.13
C THR D 435 7.68 10.96 -6.67
N GLU D 436 8.82 10.33 -6.39
CA GLU D 436 9.01 9.71 -5.08
C GLU D 436 8.90 10.69 -3.90
N ALA D 437 9.52 11.87 -4.02
CA ALA D 437 9.50 12.87 -2.96
C ALA D 437 8.06 13.25 -2.58
N VAL D 438 7.27 13.56 -3.60
CA VAL D 438 5.84 13.87 -3.41
C VAL D 438 5.06 12.69 -2.79
N ASP D 439 5.44 11.47 -3.16
CA ASP D 439 4.76 10.28 -2.63
C ASP D 439 4.88 10.22 -1.12
N GLU D 440 6.05 10.58 -0.61
CA GLU D 440 6.29 10.63 0.83
C GLU D 440 5.44 11.70 1.51
N ARG D 441 5.39 12.89 0.91
CA ARG D 441 4.52 13.94 1.41
C ARG D 441 3.07 13.50 1.45
N LEU D 442 2.65 12.75 0.43
CA LEU D 442 1.28 12.31 0.31
C LEU D 442 0.95 11.29 1.41
N ARG D 443 1.85 10.34 1.63
CA ARG D 443 1.69 9.37 2.71
C ARG D 443 1.57 10.06 4.07
N ALA D 444 2.43 11.05 4.30
CA ALA D 444 2.45 11.80 5.55
C ALA D 444 1.07 12.40 5.83
N VAL D 445 0.58 13.18 4.86
CA VAL D 445 -0.75 13.78 4.95
C VAL D 445 -1.81 12.71 5.19
N GLU D 446 -1.71 11.62 4.45
CA GLU D 446 -2.63 10.49 4.58
C GLU D 446 -2.66 10.00 6.03
N GLU D 447 -1.47 9.81 6.59
CA GLU D 447 -1.32 9.41 7.99
C GLU D 447 -1.81 10.49 8.95
N SER D 448 -1.58 11.75 8.60
CA SER D 448 -1.99 12.88 9.43
C SER D 448 -3.53 13.00 9.53
N LYS D 449 -4.25 12.57 8.50
CA LYS D 449 -5.71 12.69 8.51
C LYS D 449 -6.38 11.35 8.26
N PRO D 450 -6.66 10.61 9.34
CA PRO D 450 -7.23 9.25 9.26
C PRO D 450 -8.63 9.22 8.63
N GLY D 451 -9.34 10.34 8.68
CA GLY D 451 -10.65 10.42 8.03
C GLY D 451 -10.53 10.39 6.52
N LEU D 452 -9.29 10.50 6.03
CA LEU D 452 -9.03 10.68 4.61
C LEU D 452 -8.36 9.47 3.95
N ARG D 453 -8.82 9.14 2.74
CA ARG D 453 -8.13 8.15 1.90
C ARG D 453 -7.72 8.79 0.58
N ILE D 454 -6.47 8.58 0.19
CA ILE D 454 -6.03 9.01 -1.11
C ILE D 454 -5.84 7.77 -1.94
N ILE D 455 -6.70 7.62 -2.94
CA ILE D 455 -6.81 6.36 -3.64
C ILE D 455 -6.08 6.41 -4.98
N SER D 456 -5.25 5.39 -5.22
CA SER D 456 -4.60 5.22 -6.51
C SER D 456 -4.19 3.76 -6.69
#